data_3SW5
#
_entry.id   3SW5
#
_cell.length_a   68.860
_cell.length_b   68.960
_cell.length_c   74.480
_cell.angle_alpha   90.37
_cell.angle_beta   113.38
_cell.angle_gamma   119.79
#
_symmetry.space_group_name_H-M   'P 1'
#
loop_
_entity.id
_entity.type
_entity.pdbx_description
1 polymer 'Inorganic pyrophosphatase'
2 non-polymer '(2S)-2-hydroxybutanedioic acid'
3 water water
#
_entity_poly.entity_id   1
_entity_poly.type   'polypeptide(L)'
_entity_poly.pdbx_seq_one_letter_code
;GPGSMNIKEIAVGKNPPEDVNVIVEVSLGGQPIKYEMDKKSGALFVDRFLYTSMVYPGNYGFVPHTLSEDGDPIDVLICN
TRPLLPGCVINVYPIGALIMEDDGGKDEKIIAIPTPKLTQRYNNIHDYTDLPEITLKQIEHFFEHYKDLEPGKWAKIEGW
RDKSFAHELIKQAIERNKEL
;
_entity_poly.pdbx_strand_id   A,B,C,D,E,F
#
loop_
_chem_comp.id
_chem_comp.type
_chem_comp.name
_chem_comp.formula
LMR non-polymer '(2S)-2-hydroxybutanedioic acid' 'C4 H6 O5'
#
# COMPACT_ATOMS: atom_id res chain seq x y z
N ASN A 6 13.82 23.40 -8.54
CA ASN A 6 14.90 24.14 -9.24
C ASN A 6 16.21 23.32 -9.29
N ILE A 7 16.33 22.46 -10.30
CA ILE A 7 17.52 21.60 -10.48
C ILE A 7 18.84 22.38 -10.50
N LYS A 8 18.82 23.62 -11.00
CA LYS A 8 20.03 24.45 -11.12
C LYS A 8 20.76 24.62 -9.79
N GLU A 9 20.00 24.55 -8.69
CA GLU A 9 20.56 24.63 -7.34
C GLU A 9 20.82 23.27 -6.66
N ILE A 10 20.60 22.16 -7.38
CA ILE A 10 20.99 20.84 -6.90
C ILE A 10 22.39 20.47 -7.41
N ALA A 11 23.24 20.01 -6.50
CA ALA A 11 24.62 19.72 -6.79
C ALA A 11 24.74 18.32 -7.39
N VAL A 12 25.74 18.11 -8.25
CA VAL A 12 26.03 16.80 -8.84
C VAL A 12 26.25 15.78 -7.72
N GLY A 13 26.95 16.23 -6.69
CA GLY A 13 27.15 15.48 -5.48
C GLY A 13 28.08 16.25 -4.56
N LYS A 14 28.55 15.61 -3.50
CA LYS A 14 29.49 16.28 -2.58
C LYS A 14 30.93 16.13 -3.10
N ASN A 15 31.31 14.88 -3.34
CA ASN A 15 32.63 14.48 -3.79
CA ASN A 15 32.66 14.54 -3.85
C ASN A 15 32.50 13.65 -5.08
N PRO A 16 31.93 14.20 -6.15
CA PRO A 16 31.68 13.31 -7.29
C PRO A 16 32.99 12.95 -8.02
N PRO A 17 33.06 11.75 -8.65
CA PRO A 17 32.01 10.74 -8.83
C PRO A 17 31.85 9.68 -7.72
N GLU A 18 32.55 9.84 -6.59
CA GLU A 18 32.46 8.88 -5.48
C GLU A 18 31.03 8.77 -4.94
N ASP A 19 30.43 9.94 -4.78
CA ASP A 19 29.00 10.03 -4.50
C ASP A 19 28.38 10.91 -5.54
N VAL A 20 27.13 10.65 -5.84
CA VAL A 20 26.35 11.52 -6.66
C VAL A 20 24.95 11.61 -6.12
N ASN A 21 24.29 12.71 -6.46
CA ASN A 21 22.90 12.93 -6.18
C ASN A 21 22.07 12.45 -7.35
N VAL A 22 21.01 11.69 -7.04
CA VAL A 22 20.15 11.14 -8.03
C VAL A 22 18.76 11.69 -7.79
N ILE A 23 18.18 12.30 -8.83
CA ILE A 23 16.80 12.74 -8.78
C ILE A 23 16.00 11.53 -9.21
N VAL A 24 15.17 11.04 -8.29
CA VAL A 24 14.39 9.83 -8.51
C VAL A 24 13.18 10.07 -9.44
N GLU A 25 13.02 9.18 -10.42
CA GLU A 25 11.93 9.27 -11.37
C GLU A 25 10.95 8.10 -11.21
N VAL A 26 11.42 6.88 -10.91
CA VAL A 26 10.52 5.71 -10.75
C VAL A 26 10.87 5.00 -9.48
N SER A 27 9.85 4.62 -8.71
CA SER A 27 10.03 3.89 -7.48
C SER A 27 10.21 2.45 -7.78
N LEU A 28 11.01 1.77 -6.97
CA LEU A 28 11.13 0.34 -7.03
C LEU A 28 9.76 -0.29 -6.79
N GLY A 29 9.45 -1.31 -7.57
CA GLY A 29 8.23 -2.11 -7.32
C GLY A 29 6.97 -1.31 -7.56
N GLY A 30 5.94 -1.54 -6.77
CA GLY A 30 4.77 -0.66 -6.82
C GLY A 30 4.10 -0.69 -8.22
N GLN A 31 3.75 0.50 -8.73
CA GLN A 31 2.94 0.62 -9.94
C GLN A 31 3.87 0.73 -11.15
N PRO A 32 3.52 0.06 -12.27
CA PRO A 32 4.44 0.05 -13.39
C PRO A 32 4.31 1.33 -14.20
N ILE A 33 4.69 2.44 -13.55
CA ILE A 33 4.47 3.73 -14.11
C ILE A 33 5.79 4.41 -14.32
N LYS A 34 6.16 4.62 -15.57
CA LYS A 34 7.44 5.20 -15.88
C LYS A 34 7.35 6.70 -15.98
N TYR A 35 7.49 7.37 -14.86
CA TYR A 35 7.67 8.84 -14.88
C TYR A 35 9.02 9.21 -15.47
N GLU A 36 9.08 10.37 -16.10
CA GLU A 36 10.32 10.90 -16.58
C GLU A 36 10.25 12.40 -16.32
N MET A 37 11.32 12.98 -15.79
CA MET A 37 11.33 14.42 -15.53
C MET A 37 11.60 15.20 -16.81
N ASP A 38 10.78 16.21 -17.04
CA ASP A 38 10.83 17.04 -18.23
C ASP A 38 11.89 18.10 -18.01
N LYS A 39 12.92 18.10 -18.88
CA LYS A 39 13.93 19.17 -18.92
C LYS A 39 13.30 20.56 -18.76
N LYS A 40 12.38 20.89 -19.67
CA LYS A 40 11.88 22.27 -19.81
C LYS A 40 11.14 22.75 -18.54
N SER A 41 10.28 21.91 -17.95
CA SER A 41 9.41 22.34 -16.85
C SER A 41 9.86 21.88 -15.48
N GLY A 42 10.68 20.85 -15.40
CA GLY A 42 10.92 20.15 -14.12
C GLY A 42 9.74 19.28 -13.65
N ALA A 43 8.64 19.22 -14.39
CA ALA A 43 7.53 18.35 -13.99
C ALA A 43 7.80 16.90 -14.34
N LEU A 44 7.26 16.00 -13.53
CA LEU A 44 7.26 14.56 -13.78
C LEU A 44 6.10 14.22 -14.71
N PHE A 45 6.44 13.79 -15.92
CA PHE A 45 5.47 13.39 -16.92
C PHE A 45 5.35 11.86 -16.85
N VAL A 46 4.16 11.32 -17.11
CA VAL A 46 4.05 9.90 -17.38
C VAL A 46 4.57 9.63 -18.81
N ASP A 47 5.74 9.03 -18.93
CA ASP A 47 6.25 8.65 -20.23
C ASP A 47 5.48 7.45 -20.74
N ARG A 48 5.19 6.49 -19.88
CA ARG A 48 4.28 5.38 -20.25
C ARG A 48 4.02 4.46 -19.07
N PHE A 49 3.01 3.62 -19.21
CA PHE A 49 2.86 2.48 -18.35
C PHE A 49 3.71 1.43 -19.01
N LEU A 50 4.34 0.58 -18.21
CA LEU A 50 5.16 -0.47 -18.80
C LEU A 50 4.25 -1.39 -19.63
N TYR A 51 4.76 -1.84 -20.77
CA TYR A 51 4.04 -2.71 -21.64
C TYR A 51 4.12 -4.20 -21.26
N THR A 52 4.99 -4.54 -20.33
CA THR A 52 5.09 -5.88 -19.78
C THR A 52 4.70 -5.89 -18.31
N SER A 53 4.43 -7.08 -17.77
CA SER A 53 4.01 -7.24 -16.37
C SER A 53 5.28 -7.41 -15.49
N MET A 54 6.07 -6.35 -15.51
CA MET A 54 7.30 -6.24 -14.77
C MET A 54 7.24 -5.00 -13.90
N VAL A 55 8.15 -4.91 -12.96
CA VAL A 55 8.30 -3.70 -12.15
C VAL A 55 9.79 -3.43 -11.98
N TYR A 56 10.15 -2.14 -11.81
CA TYR A 56 11.53 -1.74 -11.64
C TYR A 56 12.12 -2.46 -10.42
N PRO A 57 13.35 -3.04 -10.57
CA PRO A 57 13.97 -3.82 -9.53
C PRO A 57 14.82 -2.92 -8.57
N GLY A 58 14.83 -1.63 -8.81
CA GLY A 58 15.44 -0.66 -7.91
C GLY A 58 14.79 0.70 -8.15
N ASN A 59 15.17 1.70 -7.40
CA ASN A 59 14.68 3.07 -7.64
C ASN A 59 15.50 3.63 -8.73
N TYR A 60 14.88 4.39 -9.63
CA TYR A 60 15.57 4.75 -10.87
C TYR A 60 15.44 6.24 -11.12
N GLY A 61 16.55 6.86 -11.51
CA GLY A 61 16.55 8.26 -11.84
C GLY A 61 17.81 8.74 -12.52
N PHE A 62 18.07 10.02 -12.40
CA PHE A 62 19.24 10.57 -13.11
C PHE A 62 20.04 11.56 -12.27
N VAL A 63 21.30 11.74 -12.65
CA VAL A 63 22.18 12.73 -12.00
C VAL A 63 22.11 14.08 -12.70
N PRO A 64 21.69 15.14 -11.99
CA PRO A 64 21.63 16.41 -12.72
C PRO A 64 23.02 16.94 -13.13
N HIS A 65 23.03 17.83 -14.11
CA HIS A 65 24.25 18.47 -14.61
C HIS A 65 25.27 17.47 -15.14
N THR A 66 24.78 16.41 -15.77
CA THR A 66 25.61 15.45 -16.45
C THR A 66 25.06 15.33 -17.85
N LEU A 67 25.91 14.96 -18.78
CA LEU A 67 25.52 14.81 -20.20
C LEU A 67 26.35 13.69 -20.82
N SER A 68 25.66 12.63 -21.24
CA SER A 68 26.26 11.58 -22.05
C SER A 68 26.49 12.05 -23.49
N GLU A 69 27.27 11.26 -24.25
CA GLU A 69 27.55 11.56 -25.66
C GLU A 69 26.25 11.75 -26.47
N ASP A 70 25.21 11.01 -26.14
CA ASP A 70 23.90 11.12 -26.82
C ASP A 70 22.97 12.27 -26.33
N GLY A 71 23.43 13.10 -25.39
CA GLY A 71 22.64 14.25 -24.92
C GLY A 71 21.72 14.03 -23.72
N ASP A 72 21.77 12.85 -23.10
CA ASP A 72 20.95 12.59 -21.91
C ASP A 72 21.81 12.58 -20.63
N PRO A 73 21.19 12.86 -19.45
CA PRO A 73 21.98 12.83 -18.22
C PRO A 73 22.34 11.41 -17.84
N ILE A 74 23.30 11.24 -16.95
CA ILE A 74 23.62 9.90 -16.44
C ILE A 74 22.42 9.29 -15.71
N ASP A 75 22.09 8.05 -16.10
CA ASP A 75 21.01 7.22 -15.55
C ASP A 75 21.53 6.36 -14.40
N VAL A 76 20.76 6.18 -13.33
CA VAL A 76 21.19 5.39 -12.17
C VAL A 76 20.06 4.51 -11.64
N LEU A 77 20.38 3.24 -11.43
CA LEU A 77 19.52 2.32 -10.75
C LEU A 77 20.06 2.10 -9.35
N ILE A 78 19.31 2.57 -8.36
CA ILE A 78 19.67 2.44 -6.94
C ILE A 78 19.11 1.13 -6.45
N CYS A 79 19.99 0.22 -6.01
CA CYS A 79 19.53 -1.12 -5.64
CA CYS A 79 19.61 -1.13 -5.62
C CYS A 79 19.37 -1.28 -4.12
N ASN A 80 18.55 -0.40 -3.56
CA ASN A 80 18.08 -0.54 -2.20
C ASN A 80 16.75 -1.28 -2.26
N THR A 81 16.10 -1.49 -1.12
CA THR A 81 14.91 -2.32 -1.08
C THR A 81 13.63 -1.50 -0.86
N ARG A 82 13.75 -0.22 -0.50
CA ARG A 82 12.57 0.56 -0.15
C ARG A 82 12.26 1.55 -1.28
N PRO A 83 10.98 1.72 -1.64
CA PRO A 83 10.58 2.69 -2.65
C PRO A 83 10.74 4.11 -2.21
N LEU A 84 11.25 4.94 -3.12
CA LEU A 84 11.49 6.34 -2.88
C LEU A 84 10.46 7.11 -3.67
N LEU A 85 10.11 8.29 -3.17
CA LEU A 85 9.15 9.15 -3.81
C LEU A 85 9.72 9.69 -5.13
N PRO A 86 8.95 9.57 -6.22
CA PRO A 86 9.40 10.19 -7.46
C PRO A 86 9.59 11.71 -7.26
N GLY A 87 10.73 12.23 -7.70
CA GLY A 87 11.05 13.66 -7.58
C GLY A 87 11.90 14.05 -6.35
N CYS A 88 12.09 13.13 -5.42
CA CYS A 88 13.02 13.31 -4.30
C CYS A 88 14.43 13.20 -4.83
N VAL A 89 15.41 13.60 -4.02
CA VAL A 89 16.82 13.52 -4.34
C VAL A 89 17.53 12.67 -3.30
N ILE A 90 18.37 11.76 -3.74
CA ILE A 90 19.06 10.88 -2.82
C ILE A 90 20.51 10.76 -3.19
N ASN A 91 21.37 10.88 -2.17
CA ASN A 91 22.81 10.78 -2.32
C ASN A 91 23.25 9.30 -2.30
N VAL A 92 23.98 8.89 -3.33
CA VAL A 92 24.36 7.47 -3.50
C VAL A 92 25.84 7.30 -3.92
N TYR A 93 26.40 6.11 -3.64
CA TYR A 93 27.68 5.68 -4.16
C TYR A 93 27.48 4.88 -5.45
N PRO A 94 27.98 5.38 -6.58
CA PRO A 94 28.09 4.43 -7.69
C PRO A 94 29.04 3.23 -7.36
N ILE A 95 28.62 2.01 -7.70
CA ILE A 95 29.42 0.81 -7.46
C ILE A 95 29.63 -0.08 -8.70
N GLY A 96 29.09 0.34 -9.84
CA GLY A 96 29.24 -0.41 -11.10
C GLY A 96 28.33 0.13 -12.20
N ALA A 97 28.33 -0.59 -13.32
CA ALA A 97 27.50 -0.21 -14.47
C ALA A 97 27.10 -1.42 -15.28
N LEU A 98 25.85 -1.40 -15.74
CA LEU A 98 25.35 -2.39 -16.66
C LEU A 98 25.47 -1.80 -18.07
N ILE A 99 26.07 -2.56 -18.96
CA ILE A 99 26.36 -2.08 -20.33
C ILE A 99 25.42 -2.81 -21.27
N MET A 100 24.67 -2.01 -22.03
CA MET A 100 23.70 -2.51 -22.98
C MET A 100 23.75 -1.71 -24.27
N GLU A 101 23.18 -2.28 -25.33
CA GLU A 101 22.83 -1.56 -26.54
C GLU A 101 21.30 -1.65 -26.68
N ASP A 102 20.65 -0.57 -27.08
CA ASP A 102 19.25 -0.65 -27.41
C ASP A 102 18.90 0.08 -28.70
N ASP A 103 17.60 0.24 -28.96
CA ASP A 103 17.12 0.98 -30.11
C ASP A 103 17.68 2.40 -30.20
N GLY A 104 18.05 2.99 -29.06
CA GLY A 104 18.61 4.35 -29.02
C GLY A 104 20.11 4.43 -29.25
N GLY A 105 20.79 3.29 -29.22
CA GLY A 105 22.25 3.23 -29.25
C GLY A 105 22.80 2.75 -27.91
N LYS A 106 24.07 3.04 -27.65
CA LYS A 106 24.75 2.61 -26.41
C LYS A 106 23.97 3.06 -25.19
N ASP A 107 23.84 2.15 -24.24
CA ASP A 107 23.10 2.43 -23.05
C ASP A 107 23.79 1.90 -21.80
N GLU A 108 24.43 2.77 -21.07
CA GLU A 108 25.18 2.40 -19.91
C GLU A 108 24.44 2.96 -18.72
N LYS A 109 23.95 2.07 -17.83
CA LYS A 109 23.26 2.46 -16.60
C LYS A 109 24.12 2.21 -15.35
N ILE A 110 24.32 3.26 -14.56
CA ILE A 110 25.05 3.14 -13.30
C ILE A 110 24.19 2.37 -12.30
N ILE A 111 24.82 1.44 -11.60
CA ILE A 111 24.21 0.82 -10.42
C ILE A 111 24.74 1.49 -9.16
N ALA A 112 23.90 1.79 -8.19
CA ALA A 112 24.34 2.57 -7.02
C ALA A 112 23.63 2.13 -5.74
N ILE A 113 24.21 2.51 -4.59
CA ILE A 113 23.63 2.18 -3.27
C ILE A 113 23.61 3.43 -2.44
N PRO A 114 22.63 3.56 -1.53
CA PRO A 114 22.66 4.69 -0.60
C PRO A 114 23.95 4.80 0.16
N THR A 115 24.40 6.04 0.42
CA THR A 115 25.59 6.28 1.22
C THR A 115 25.38 5.93 2.71
N PRO A 116 26.50 5.73 3.45
CA PRO A 116 26.39 5.26 4.84
C PRO A 116 25.71 6.24 5.77
N LYS A 117 25.80 7.54 5.47
CA LYS A 117 25.06 8.53 6.22
C LYS A 117 23.55 8.25 6.19
N LEU A 118 23.03 7.88 5.02
CA LEU A 118 21.60 7.62 4.86
C LEU A 118 21.20 6.29 5.50
N THR A 119 22.08 5.29 5.41
CA THR A 119 21.84 3.99 5.98
C THR A 119 23.10 3.17 6.16
N GLN A 120 23.16 2.46 7.28
CA GLN A 120 24.27 1.58 7.62
C GLN A 120 24.08 0.16 7.06
N ARG A 121 22.98 -0.08 6.37
CA ARG A 121 22.65 -1.40 5.86
C ARG A 121 23.61 -1.96 4.78
N TYR A 122 24.32 -1.08 4.06
CA TYR A 122 25.17 -1.45 2.91
C TYR A 122 26.67 -1.22 3.20
N ASN A 123 27.07 -1.26 4.46
CA ASN A 123 28.45 -0.93 4.82
C ASN A 123 29.45 -1.87 4.19
N ASN A 124 29.04 -3.09 3.87
CA ASN A 124 29.99 -4.01 3.29
C ASN A 124 29.81 -4.19 1.77
N ILE A 125 29.05 -3.27 1.16
CA ILE A 125 28.88 -3.23 -0.28
C ILE A 125 29.78 -2.11 -0.82
N HIS A 126 30.85 -2.48 -1.51
CA HIS A 126 31.76 -1.49 -2.06
C HIS A 126 31.82 -1.48 -3.58
N ASP A 127 31.39 -2.59 -4.19
CA ASP A 127 31.43 -2.84 -5.63
C ASP A 127 30.19 -3.66 -6.00
N TYR A 128 29.76 -3.60 -7.27
CA TYR A 128 28.53 -4.28 -7.70
C TYR A 128 28.60 -5.77 -7.48
N THR A 129 29.81 -6.34 -7.48
CA THR A 129 30.01 -7.76 -7.23
C THR A 129 29.80 -8.17 -5.78
N ASP A 130 29.59 -7.20 -4.89
CA ASP A 130 29.25 -7.48 -3.51
C ASP A 130 27.73 -7.75 -3.38
N LEU A 131 26.94 -7.32 -4.36
CA LEU A 131 25.51 -7.60 -4.35
C LEU A 131 25.25 -9.08 -4.59
N PRO A 132 24.10 -9.58 -4.08
CA PRO A 132 23.75 -10.98 -4.42
C PRO A 132 23.66 -11.16 -5.94
N GLU A 133 24.15 -12.29 -6.45
CA GLU A 133 24.15 -12.54 -7.89
C GLU A 133 22.73 -12.44 -8.47
N ILE A 134 21.76 -12.98 -7.76
CA ILE A 134 20.39 -12.94 -8.25
C ILE A 134 19.92 -11.49 -8.47
N THR A 135 20.38 -10.57 -7.65
CA THR A 135 20.06 -9.17 -7.80
C THR A 135 20.59 -8.61 -9.13
N LEU A 136 21.86 -8.91 -9.43
CA LEU A 136 22.42 -8.48 -10.69
C LEU A 136 21.68 -9.12 -11.87
N LYS A 137 21.35 -10.41 -11.75
CA LYS A 137 20.72 -11.10 -12.87
C LYS A 137 19.32 -10.54 -13.09
N GLN A 138 18.63 -10.15 -12.01
CA GLN A 138 17.27 -9.60 -12.15
C GLN A 138 17.31 -8.24 -12.80
N ILE A 139 18.31 -7.43 -12.47
CA ILE A 139 18.50 -6.13 -13.09
C ILE A 139 18.77 -6.30 -14.59
N GLU A 140 19.71 -7.17 -14.98
CA GLU A 140 19.94 -7.47 -16.41
C GLU A 140 18.67 -7.89 -17.11
N HIS A 141 17.99 -8.89 -16.53
CA HIS A 141 16.78 -9.46 -17.06
C HIS A 141 15.68 -8.42 -17.23
N PHE A 142 15.56 -7.50 -16.28
CA PHE A 142 14.56 -6.47 -16.37
C PHE A 142 14.82 -5.56 -17.60
N PHE A 143 16.03 -5.05 -17.70
CA PHE A 143 16.34 -4.09 -18.77
C PHE A 143 16.31 -4.80 -20.14
N GLU A 144 16.57 -6.09 -20.12
CA GLU A 144 16.56 -6.88 -21.31
C GLU A 144 15.14 -7.08 -21.83
N HIS A 145 14.18 -7.25 -20.93
CA HIS A 145 12.81 -7.64 -21.29
C HIS A 145 11.69 -6.64 -21.08
N TYR A 146 11.92 -5.55 -20.35
CA TYR A 146 10.75 -4.71 -19.95
C TYR A 146 10.05 -4.01 -21.10
N LYS A 147 10.80 -3.77 -22.18
CA LYS A 147 10.29 -3.15 -23.41
C LYS A 147 9.93 -4.16 -24.50
N ASP A 148 9.85 -5.45 -24.14
CA ASP A 148 9.61 -6.48 -25.14
C ASP A 148 8.34 -6.26 -25.92
N LEU A 149 7.30 -5.69 -25.32
CA LEU A 149 6.06 -5.55 -26.01
C LEU A 149 5.85 -4.15 -26.56
N GLU A 150 6.85 -3.29 -26.44
CA GLU A 150 6.81 -1.97 -27.08
C GLU A 150 7.30 -2.05 -28.54
N PRO A 151 6.53 -1.48 -29.48
CA PRO A 151 6.94 -1.69 -30.88
C PRO A 151 8.23 -0.95 -31.21
N GLY A 152 9.12 -1.64 -31.91
CA GLY A 152 10.35 -1.03 -32.36
C GLY A 152 11.43 -0.94 -31.29
N LYS A 153 11.13 -1.31 -30.04
CA LYS A 153 12.12 -1.19 -28.95
C LYS A 153 12.79 -2.50 -28.78
N TRP A 154 14.03 -2.48 -28.32
CA TRP A 154 14.81 -3.70 -28.11
C TRP A 154 16.06 -3.40 -27.30
N ALA A 155 16.66 -4.44 -26.73
CA ALA A 155 17.77 -4.30 -25.81
C ALA A 155 18.65 -5.53 -25.83
N LYS A 156 19.97 -5.34 -25.82
CA LYS A 156 20.91 -6.45 -25.74
C LYS A 156 21.87 -6.15 -24.59
N ILE A 157 22.05 -7.12 -23.70
CA ILE A 157 22.98 -6.99 -22.59
C ILE A 157 24.42 -7.27 -23.07
N GLU A 158 25.35 -6.36 -22.80
CA GLU A 158 26.78 -6.68 -23.13
C GLU A 158 27.47 -7.29 -21.92
N GLY A 159 27.30 -6.67 -20.77
CA GLY A 159 27.78 -7.21 -19.49
C GLY A 159 27.96 -6.08 -18.48
N TRP A 160 28.70 -6.36 -17.43
CA TRP A 160 28.88 -5.42 -16.32
C TRP A 160 30.25 -4.84 -16.32
N ARG A 161 30.36 -3.61 -15.82
CA ARG A 161 31.67 -3.00 -15.57
CA ARG A 161 31.66 -2.97 -15.58
C ARG A 161 31.74 -2.46 -14.15
N ASP A 162 32.95 -2.19 -13.70
CA ASP A 162 33.21 -2.00 -12.29
C ASP A 162 33.05 -0.56 -11.83
N LYS A 163 33.30 -0.33 -10.54
CA LYS A 163 33.07 0.96 -9.98
C LYS A 163 33.98 1.99 -10.62
N SER A 164 35.21 1.63 -10.92
CA SER A 164 36.12 2.61 -11.50
CA SER A 164 36.16 2.58 -11.51
C SER A 164 35.61 3.03 -12.85
N PHE A 165 35.03 2.12 -13.61
CA PHE A 165 34.43 2.50 -14.87
C PHE A 165 33.27 3.47 -14.63
N ALA A 166 32.44 3.18 -13.65
CA ALA A 166 31.28 4.03 -13.41
C ALA A 166 31.77 5.45 -13.08
N HIS A 167 32.85 5.54 -12.29
CA HIS A 167 33.44 6.82 -11.90
C HIS A 167 33.90 7.61 -13.11
N GLU A 168 34.57 6.95 -14.05
CA GLU A 168 35.08 7.63 -15.23
C GLU A 168 33.92 8.10 -16.14
N LEU A 169 32.96 7.23 -16.36
CA LEU A 169 31.73 7.62 -17.09
C LEU A 169 31.07 8.88 -16.51
N ILE A 170 30.94 8.94 -15.19
CA ILE A 170 30.35 10.08 -14.52
C ILE A 170 31.26 11.32 -14.68
N LYS A 171 32.56 11.17 -14.44
CA LYS A 171 33.50 12.30 -14.60
C LYS A 171 33.39 12.90 -16.01
N GLN A 172 33.36 12.06 -17.04
CA GLN A 172 33.31 12.53 -18.41
C GLN A 172 31.97 13.20 -18.72
N ALA A 173 30.91 12.73 -18.08
CA ALA A 173 29.61 13.36 -18.25
C ALA A 173 29.51 14.71 -17.49
N ILE A 174 30.24 14.89 -16.39
CA ILE A 174 30.25 16.20 -15.71
C ILE A 174 30.97 17.24 -16.58
N GLU A 175 32.13 16.87 -17.13
CA GLU A 175 32.88 17.77 -18.02
C GLU A 175 32.10 18.05 -19.31
N ARG A 176 31.44 17.02 -19.85
CA ARG A 176 30.66 17.20 -21.06
C ARG A 176 29.52 18.21 -20.85
N ASN A 177 28.90 18.20 -19.67
CA ASN A 177 27.84 19.17 -19.35
C ASN A 177 28.33 20.63 -19.37
N LYS A 178 29.58 20.86 -18.99
CA LYS A 178 30.19 22.20 -19.00
C LYS A 178 31.08 22.42 -20.23
N ILE B 7 -11.68 -27.26 2.07
CA ILE B 7 -12.03 -27.28 0.62
C ILE B 7 -13.11 -28.32 0.31
N LYS B 8 -13.21 -29.38 1.13
CA LYS B 8 -14.15 -30.49 0.86
C LYS B 8 -15.64 -30.07 0.82
N GLU B 9 -15.93 -28.86 1.30
CA GLU B 9 -17.29 -28.29 1.23
C GLU B 9 -17.40 -27.10 0.24
N ILE B 10 -16.31 -26.76 -0.45
CA ILE B 10 -16.37 -25.74 -1.51
C ILE B 10 -16.71 -26.42 -2.84
N ALA B 11 -17.79 -25.99 -3.47
CA ALA B 11 -18.24 -26.55 -4.76
C ALA B 11 -17.27 -26.18 -5.88
N VAL B 12 -17.27 -27.01 -6.90
CA VAL B 12 -16.53 -26.73 -8.14
C VAL B 12 -17.05 -25.42 -8.74
N GLY B 13 -18.38 -25.26 -8.71
CA GLY B 13 -19.05 -24.07 -9.18
C GLY B 13 -20.56 -24.21 -9.04
N LYS B 14 -21.32 -23.25 -9.55
CA LYS B 14 -22.78 -23.38 -9.52
C LYS B 14 -23.23 -24.26 -10.68
N ASN B 15 -22.76 -23.92 -11.89
CA ASN B 15 -23.08 -24.62 -13.11
C ASN B 15 -21.81 -24.80 -13.94
N PRO B 16 -20.87 -25.60 -13.41
CA PRO B 16 -19.61 -25.72 -14.11
C PRO B 16 -19.82 -26.52 -15.40
N PRO B 17 -18.99 -26.28 -16.41
CA PRO B 17 -17.83 -25.35 -16.44
C PRO B 17 -18.15 -23.89 -16.79
N GLU B 18 -19.42 -23.54 -16.97
CA GLU B 18 -19.78 -22.15 -17.28
C GLU B 18 -19.24 -21.17 -16.22
N ASP B 19 -19.40 -21.53 -14.95
CA ASP B 19 -18.75 -20.81 -13.88
C ASP B 19 -18.05 -21.81 -13.02
N VAL B 20 -16.94 -21.36 -12.43
CA VAL B 20 -16.21 -22.15 -11.46
C VAL B 20 -15.78 -21.26 -10.31
N ASN B 21 -15.61 -21.86 -9.13
CA ASN B 21 -15.01 -21.21 -8.00
C ASN B 21 -13.50 -21.40 -8.09
N VAL B 22 -12.78 -20.30 -7.91
CA VAL B 22 -11.35 -20.29 -7.84
C VAL B 22 -10.90 -19.90 -6.43
N ILE B 23 -10.00 -20.71 -5.87
CA ILE B 23 -9.38 -20.46 -4.60
C ILE B 23 -8.11 -19.75 -4.96
N VAL B 24 -8.01 -18.47 -4.60
CA VAL B 24 -6.93 -17.59 -5.05
C VAL B 24 -5.69 -17.88 -4.24
N GLU B 25 -4.56 -18.02 -4.93
CA GLU B 25 -3.30 -18.31 -4.28
C GLU B 25 -2.35 -17.12 -4.34
N VAL B 26 -2.35 -16.38 -5.45
CA VAL B 26 -1.42 -15.26 -5.67
C VAL B 26 -2.22 -14.05 -6.15
N SER B 27 -2.04 -12.96 -5.45
CA SER B 27 -2.61 -11.67 -5.80
C SER B 27 -1.98 -11.05 -7.05
N LEU B 28 -2.80 -10.35 -7.85
CA LEU B 28 -2.31 -9.54 -8.97
C LEU B 28 -1.36 -8.46 -8.44
N GLY B 29 -0.27 -8.19 -9.15
CA GLY B 29 0.60 -7.07 -8.79
C GLY B 29 1.18 -7.24 -7.40
N GLY B 30 1.34 -6.15 -6.66
CA GLY B 30 1.80 -6.24 -5.26
C GLY B 30 3.14 -6.97 -5.18
N GLN B 31 3.29 -7.82 -4.17
CA GLN B 31 4.56 -8.52 -3.85
C GLN B 31 4.76 -9.75 -4.70
N PRO B 32 6.00 -10.01 -5.18
CA PRO B 32 6.24 -11.20 -6.01
C PRO B 32 6.39 -12.46 -5.17
N ILE B 33 5.31 -12.83 -4.51
CA ILE B 33 5.32 -13.95 -3.62
C ILE B 33 4.34 -15.01 -4.15
N LYS B 34 4.87 -16.14 -4.58
CA LYS B 34 4.03 -17.23 -5.09
C LYS B 34 3.59 -18.14 -3.97
N TYR B 35 2.43 -17.87 -3.38
CA TYR B 35 1.82 -18.80 -2.41
C TYR B 35 1.24 -20.00 -3.13
N GLU B 36 1.16 -21.14 -2.42
CA GLU B 36 0.60 -22.34 -2.96
C GLU B 36 -0.13 -23.03 -1.83
N MET B 37 -1.38 -23.40 -2.07
CA MET B 37 -2.13 -24.15 -1.06
C MET B 37 -1.66 -25.60 -1.02
N ASP B 38 -1.25 -26.00 0.18
CA ASP B 38 -0.75 -27.33 0.46
C ASP B 38 -1.91 -28.33 0.46
N LYS B 39 -1.68 -29.45 -0.20
CA LYS B 39 -2.73 -30.46 -0.40
C LYS B 39 -3.27 -30.91 0.95
N LYS B 40 -2.38 -31.45 1.78
CA LYS B 40 -2.77 -32.15 3.01
C LYS B 40 -3.08 -31.24 4.21
N SER B 41 -2.82 -29.93 4.11
CA SER B 41 -3.02 -28.97 5.22
C SER B 41 -4.09 -27.89 4.97
N GLY B 42 -4.31 -27.53 3.71
CA GLY B 42 -5.14 -26.37 3.39
C GLY B 42 -4.48 -25.01 3.61
N ALA B 43 -3.27 -25.00 4.17
CA ALA B 43 -2.57 -23.73 4.44
C ALA B 43 -1.81 -23.27 3.23
N LEU B 44 -1.62 -21.95 3.14
CA LEU B 44 -0.90 -21.31 2.08
C LEU B 44 0.58 -21.32 2.46
N PHE B 45 1.36 -22.03 1.69
CA PHE B 45 2.79 -22.04 1.88
C PHE B 45 3.41 -21.05 0.89
N VAL B 46 4.52 -20.45 1.26
CA VAL B 46 5.31 -19.69 0.29
C VAL B 46 6.07 -20.69 -0.59
N ASP B 47 5.71 -20.78 -1.88
CA ASP B 47 6.41 -21.73 -2.76
C ASP B 47 7.72 -21.08 -3.16
N ARG B 48 7.67 -19.81 -3.50
CA ARG B 48 8.90 -19.05 -3.66
C ARG B 48 8.59 -17.58 -3.86
N PHE B 49 9.65 -16.78 -3.80
CA PHE B 49 9.62 -15.42 -4.28
C PHE B 49 9.95 -15.54 -5.75
N LEU B 50 9.34 -14.71 -6.59
CA LEU B 50 9.69 -14.81 -7.98
C LEU B 50 11.16 -14.48 -8.15
N TYR B 51 11.79 -15.20 -9.07
CA TYR B 51 13.22 -15.05 -9.33
C TYR B 51 13.50 -13.91 -10.30
N THR B 52 12.45 -13.44 -10.98
CA THR B 52 12.52 -12.30 -11.88
C THR B 52 11.76 -11.10 -11.35
N SER B 53 12.05 -9.93 -11.91
CA SER B 53 11.43 -8.70 -11.48
C SER B 53 10.09 -8.57 -12.15
N MET B 54 9.24 -9.56 -11.95
CA MET B 54 7.95 -9.57 -12.59
C MET B 54 6.87 -9.66 -11.52
N VAL B 55 5.63 -9.36 -11.91
CA VAL B 55 4.45 -9.60 -11.06
C VAL B 55 3.31 -10.22 -11.85
N TYR B 56 2.51 -11.03 -11.17
CA TYR B 56 1.39 -11.66 -11.81
C TYR B 56 0.46 -10.62 -12.43
N PRO B 57 0.08 -10.85 -13.70
CA PRO B 57 -0.79 -9.94 -14.43
C PRO B 57 -2.28 -10.17 -14.13
N GLY B 58 -2.61 -11.11 -13.29
CA GLY B 58 -3.99 -11.25 -12.80
C GLY B 58 -3.98 -12.00 -11.51
N ASN B 59 -5.13 -12.21 -10.91
CA ASN B 59 -5.18 -13.02 -9.70
C ASN B 59 -5.16 -14.46 -10.11
N TYR B 60 -4.38 -15.28 -9.41
CA TYR B 60 -4.09 -16.64 -9.82
C TYR B 60 -4.46 -17.68 -8.77
N GLY B 61 -5.01 -18.80 -9.22
CA GLY B 61 -5.37 -19.86 -8.28
C GLY B 61 -5.81 -21.14 -8.93
N PHE B 62 -6.58 -21.93 -8.21
CA PHE B 62 -7.03 -23.21 -8.77
C PHE B 62 -8.46 -23.45 -8.48
N VAL B 63 -9.03 -24.37 -9.26
CA VAL B 63 -10.41 -24.84 -9.07
C VAL B 63 -10.43 -26.12 -8.22
N PRO B 64 -11.15 -26.10 -7.09
CA PRO B 64 -11.07 -27.31 -6.27
C PRO B 64 -11.84 -28.47 -6.88
N HIS B 65 -11.45 -29.68 -6.49
CA HIS B 65 -12.09 -30.91 -6.93
C HIS B 65 -11.99 -31.18 -8.44
N THR B 66 -10.93 -30.67 -9.05
CA THR B 66 -10.57 -30.98 -10.43
C THR B 66 -9.21 -31.60 -10.44
N LEU B 67 -8.91 -32.32 -11.51
CA LEU B 67 -7.63 -32.98 -11.62
C LEU B 67 -7.27 -33.04 -13.09
N SER B 68 -6.22 -32.33 -13.48
CA SER B 68 -5.75 -32.37 -14.87
C SER B 68 -4.89 -33.62 -15.09
N GLU B 69 -4.60 -33.95 -16.35
CA GLU B 69 -3.78 -35.14 -16.65
C GLU B 69 -2.44 -35.10 -15.89
N ASP B 70 -1.88 -33.89 -15.73
CA ASP B 70 -0.66 -33.70 -14.94
C ASP B 70 -0.78 -34.35 -13.56
N GLY B 71 -1.88 -34.05 -12.87
CA GLY B 71 -2.11 -34.53 -11.49
C GLY B 71 -2.39 -33.42 -10.49
N ASP B 72 -2.32 -32.17 -10.93
CA ASP B 72 -2.70 -31.02 -10.09
C ASP B 72 -4.09 -30.47 -10.52
N PRO B 73 -4.79 -29.77 -9.62
CA PRO B 73 -6.07 -29.16 -10.02
C PRO B 73 -5.93 -28.20 -11.19
N ILE B 74 -7.02 -27.87 -11.86
CA ILE B 74 -7.01 -26.87 -12.92
C ILE B 74 -6.61 -25.51 -12.35
N ASP B 75 -5.64 -24.88 -13.02
CA ASP B 75 -5.11 -23.51 -12.84
C ASP B 75 -5.96 -22.44 -13.57
N VAL B 76 -6.18 -21.30 -12.93
CA VAL B 76 -6.94 -20.19 -13.49
C VAL B 76 -6.27 -18.83 -13.22
N LEU B 77 -6.11 -18.06 -14.27
CA LEU B 77 -5.68 -16.68 -14.14
C LEU B 77 -6.90 -15.78 -14.33
N ILE B 78 -7.28 -15.04 -13.29
CA ILE B 78 -8.47 -14.17 -13.34
C ILE B 78 -7.97 -12.82 -13.76
N CYS B 79 -8.50 -12.31 -14.87
CA CYS B 79 -7.93 -11.08 -15.43
CA CYS B 79 -8.00 -11.12 -15.50
C CYS B 79 -8.79 -9.87 -15.14
N ASN B 80 -9.01 -9.66 -13.84
CA ASN B 80 -9.59 -8.42 -13.34
C ASN B 80 -8.42 -7.48 -12.94
N THR B 81 -8.72 -6.30 -12.40
CA THR B 81 -7.66 -5.30 -12.10
C THR B 81 -7.37 -5.14 -10.60
N ARG B 82 -8.21 -5.69 -9.72
CA ARG B 82 -8.05 -5.48 -8.30
C ARG B 82 -7.43 -6.69 -7.63
N PRO B 83 -6.46 -6.45 -6.73
CA PRO B 83 -5.88 -7.60 -6.03
C PRO B 83 -6.86 -8.25 -5.05
N LEU B 84 -6.82 -9.58 -5.00
CA LEU B 84 -7.67 -10.38 -4.14
C LEU B 84 -6.82 -11.03 -3.07
N LEU B 85 -7.43 -11.28 -1.93
CA LEU B 85 -6.77 -11.94 -0.82
C LEU B 85 -6.43 -13.41 -1.14
N PRO B 86 -5.16 -13.79 -0.99
CA PRO B 86 -4.86 -15.22 -1.07
C PRO B 86 -5.68 -15.99 -0.06
N GLY B 87 -6.24 -17.12 -0.47
CA GLY B 87 -7.06 -17.95 0.40
C GLY B 87 -8.54 -17.69 0.22
N CYS B 88 -8.93 -16.54 -0.34
CA CYS B 88 -10.33 -16.29 -0.71
C CYS B 88 -10.80 -17.13 -1.90
N VAL B 89 -12.13 -17.18 -2.05
CA VAL B 89 -12.78 -17.94 -3.09
C VAL B 89 -13.61 -16.98 -3.95
N ILE B 90 -13.45 -17.08 -5.25
CA ILE B 90 -14.18 -16.21 -6.15
C ILE B 90 -14.77 -16.97 -7.33
N ASN B 91 -16.02 -16.68 -7.63
CA ASN B 91 -16.76 -17.30 -8.73
C ASN B 91 -16.45 -16.56 -10.00
N VAL B 92 -16.04 -17.28 -11.05
CA VAL B 92 -15.62 -16.67 -12.31
C VAL B 92 -16.19 -17.43 -13.50
N TYR B 93 -16.18 -16.75 -14.64
CA TYR B 93 -16.45 -17.34 -15.93
C TYR B 93 -15.15 -17.65 -16.66
N PRO B 94 -14.86 -18.93 -16.92
CA PRO B 94 -13.82 -19.22 -17.91
C PRO B 94 -14.17 -18.64 -19.28
N ILE B 95 -13.19 -18.01 -19.94
CA ILE B 95 -13.35 -17.42 -21.28
C ILE B 95 -12.30 -17.81 -22.31
N GLY B 96 -11.39 -18.71 -21.94
CA GLY B 96 -10.31 -19.14 -22.83
C GLY B 96 -9.26 -19.90 -22.05
N ALA B 97 -8.20 -20.32 -22.74
CA ALA B 97 -7.11 -21.05 -22.12
C ALA B 97 -5.80 -20.70 -22.83
N LEU B 98 -4.74 -20.60 -22.06
CA LEU B 98 -3.43 -20.33 -22.64
C LEU B 98 -2.75 -21.67 -22.63
N ILE B 99 -2.26 -22.11 -23.78
CA ILE B 99 -1.63 -23.42 -23.88
C ILE B 99 -0.09 -23.26 -23.92
N MET B 100 0.60 -24.02 -23.07
CA MET B 100 2.04 -23.88 -22.92
C MET B 100 2.76 -25.20 -22.76
N GLU B 101 4.07 -25.15 -23.04
CA GLU B 101 4.98 -26.27 -22.76
C GLU B 101 6.10 -25.75 -21.85
N ASP B 102 6.32 -26.46 -20.75
CA ASP B 102 7.39 -26.13 -19.81
C ASP B 102 8.26 -27.36 -19.47
N ASP B 103 9.26 -27.13 -18.63
CA ASP B 103 10.24 -28.14 -18.19
C ASP B 103 9.64 -29.46 -17.66
N GLY B 104 8.34 -29.46 -17.34
CA GLY B 104 7.62 -30.68 -16.92
C GLY B 104 6.39 -31.06 -17.75
N GLY B 105 6.41 -30.77 -19.04
CA GLY B 105 5.34 -31.21 -19.95
C GLY B 105 4.40 -30.11 -20.38
N LYS B 106 3.16 -30.50 -20.71
CA LYS B 106 2.13 -29.55 -21.20
C LYS B 106 1.52 -28.82 -20.03
N ASP B 107 1.10 -27.57 -20.27
CA ASP B 107 0.54 -26.70 -19.21
C ASP B 107 -0.56 -25.84 -19.80
N GLU B 108 -1.79 -26.02 -19.35
CA GLU B 108 -2.87 -25.14 -19.79
C GLU B 108 -3.34 -24.31 -18.62
N LYS B 109 -3.51 -23.01 -18.86
CA LYS B 109 -4.02 -22.08 -17.87
C LYS B 109 -5.38 -21.64 -18.34
N ILE B 110 -6.42 -21.79 -17.52
CA ILE B 110 -7.69 -21.16 -17.84
C ILE B 110 -7.56 -19.65 -17.61
N ILE B 111 -8.15 -18.88 -18.52
CA ILE B 111 -8.29 -17.43 -18.41
C ILE B 111 -9.75 -17.18 -18.09
N ALA B 112 -10.00 -16.33 -17.09
CA ALA B 112 -11.33 -16.15 -16.49
C ALA B 112 -11.56 -14.71 -16.06
N ILE B 113 -12.84 -14.34 -16.04
CA ILE B 113 -13.29 -13.09 -15.50
C ILE B 113 -14.34 -13.30 -14.41
N PRO B 114 -14.45 -12.37 -13.46
CA PRO B 114 -15.51 -12.46 -12.48
C PRO B 114 -16.87 -12.34 -13.15
N THR B 115 -17.86 -13.01 -12.58
CA THR B 115 -19.22 -13.02 -13.10
C THR B 115 -19.92 -11.68 -12.92
N PRO B 116 -21.03 -11.44 -13.65
CA PRO B 116 -21.81 -10.20 -13.53
C PRO B 116 -22.40 -9.91 -12.14
N LYS B 117 -22.72 -10.94 -11.37
CA LYS B 117 -23.13 -10.76 -9.98
C LYS B 117 -22.07 -10.00 -9.15
N LEU B 118 -20.80 -10.37 -9.30
CA LEU B 118 -19.73 -9.75 -8.56
C LEU B 118 -19.40 -8.34 -9.05
N THR B 119 -19.47 -8.15 -10.36
CA THR B 119 -19.16 -6.87 -10.97
C THR B 119 -19.77 -6.76 -12.36
N GLN B 120 -20.30 -5.58 -12.66
CA GLN B 120 -20.85 -5.27 -13.96
C GLN B 120 -19.81 -4.77 -14.96
N ARG B 121 -18.56 -4.64 -14.54
CA ARG B 121 -17.52 -4.03 -15.36
C ARG B 121 -17.15 -4.84 -16.62
N TYR B 122 -17.41 -6.16 -16.62
CA TYR B 122 -17.00 -7.07 -17.70
C TYR B 122 -18.18 -7.61 -18.51
N ASN B 123 -19.30 -6.88 -18.54
CA ASN B 123 -20.55 -7.36 -19.15
C ASN B 123 -20.43 -7.75 -20.61
N ASN B 124 -19.50 -7.11 -21.32
CA ASN B 124 -19.31 -7.35 -22.74
C ASN B 124 -18.04 -8.16 -23.00
N ILE B 125 -17.57 -8.88 -21.97
CA ILE B 125 -16.47 -9.83 -22.13
C ILE B 125 -17.04 -11.23 -22.07
N HIS B 126 -17.10 -11.87 -23.23
CA HIS B 126 -17.65 -13.23 -23.30
C HIS B 126 -16.62 -14.24 -23.75
N ASP B 127 -15.54 -13.77 -24.38
CA ASP B 127 -14.47 -14.62 -24.84
C ASP B 127 -13.11 -13.96 -24.62
N TYR B 128 -12.06 -14.76 -24.51
CA TYR B 128 -10.73 -14.23 -24.21
C TYR B 128 -10.31 -13.17 -25.23
N THR B 129 -10.77 -13.31 -26.48
CA THR B 129 -10.52 -12.33 -27.55
C THR B 129 -11.21 -10.97 -27.39
N ASP B 130 -12.13 -10.85 -26.42
CA ASP B 130 -12.72 -9.55 -26.07
C ASP B 130 -11.83 -8.68 -25.16
N LEU B 131 -10.83 -9.31 -24.54
CA LEU B 131 -9.89 -8.60 -23.69
C LEU B 131 -8.96 -7.79 -24.59
N PRO B 132 -8.40 -6.70 -24.05
CA PRO B 132 -7.48 -5.94 -24.87
C PRO B 132 -6.31 -6.83 -25.32
N GLU B 133 -5.87 -6.64 -26.56
CA GLU B 133 -4.82 -7.47 -27.13
C GLU B 133 -3.55 -7.36 -26.29
N ILE B 134 -3.19 -6.16 -25.86
CA ILE B 134 -2.04 -6.00 -24.96
C ILE B 134 -2.15 -6.84 -23.66
N THR B 135 -3.35 -7.00 -23.10
CA THR B 135 -3.49 -7.80 -21.90
C THR B 135 -3.12 -9.27 -22.17
N LEU B 136 -3.54 -9.76 -23.33
CA LEU B 136 -3.25 -11.14 -23.69
C LEU B 136 -1.76 -11.33 -23.93
N LYS B 137 -1.14 -10.36 -24.62
CA LYS B 137 0.29 -10.41 -24.85
C LYS B 137 1.11 -10.34 -23.57
N GLN B 138 0.68 -9.53 -22.61
CA GLN B 138 1.33 -9.45 -21.31
C GLN B 138 1.22 -10.77 -20.55
N ILE B 139 0.06 -11.41 -20.65
CA ILE B 139 -0.13 -12.71 -20.01
C ILE B 139 0.82 -13.76 -20.60
N GLU B 140 0.88 -13.88 -21.94
CA GLU B 140 1.88 -14.73 -22.60
C GLU B 140 3.31 -14.45 -22.17
N HIS B 141 3.70 -13.19 -22.26
CA HIS B 141 5.04 -12.81 -21.94
C HIS B 141 5.37 -13.12 -20.47
N PHE B 142 4.41 -12.94 -19.57
CA PHE B 142 4.65 -13.26 -18.17
C PHE B 142 4.98 -14.74 -18.01
N PHE B 143 4.12 -15.60 -18.55
CA PHE B 143 4.31 -17.03 -18.31
C PHE B 143 5.52 -17.53 -19.05
N GLU B 144 5.92 -16.80 -20.09
CA GLU B 144 7.10 -17.17 -20.84
C GLU B 144 8.41 -16.86 -20.12
N HIS B 145 8.44 -15.77 -19.35
CA HIS B 145 9.67 -15.23 -18.79
C HIS B 145 9.81 -15.26 -17.28
N TYR B 146 8.72 -15.42 -16.53
CA TYR B 146 8.81 -15.22 -15.08
C TYR B 146 9.74 -16.24 -14.40
N LYS B 147 9.98 -17.37 -15.06
CA LYS B 147 10.89 -18.40 -14.56
C LYS B 147 12.25 -18.37 -15.22
N ASP B 148 12.58 -17.31 -15.97
CA ASP B 148 13.83 -17.30 -16.75
C ASP B 148 15.07 -17.50 -15.89
N LEU B 149 15.06 -16.99 -14.66
CA LEU B 149 16.24 -17.06 -13.78
C LEU B 149 16.19 -18.23 -12.77
N GLU B 150 15.18 -19.06 -12.90
CA GLU B 150 15.11 -20.28 -12.12
C GLU B 150 15.90 -21.38 -12.85
N PRO B 151 16.84 -22.00 -12.16
CA PRO B 151 17.69 -23.00 -12.81
C PRO B 151 16.91 -24.27 -13.22
N GLY B 152 17.02 -24.63 -14.51
CA GLY B 152 16.36 -25.79 -15.09
C GLY B 152 14.91 -25.56 -15.48
N LYS B 153 14.40 -24.35 -15.26
CA LYS B 153 13.02 -24.03 -15.64
C LYS B 153 12.99 -23.27 -16.95
N TRP B 154 11.94 -23.55 -17.73
CA TRP B 154 11.63 -22.79 -18.94
C TRP B 154 10.17 -22.93 -19.29
N ALA B 155 9.68 -21.99 -20.11
CA ALA B 155 8.34 -22.03 -20.67
C ALA B 155 8.35 -21.50 -22.11
N LYS B 156 7.61 -22.20 -22.97
CA LYS B 156 7.31 -21.71 -24.30
C LYS B 156 5.78 -21.62 -24.46
N ILE B 157 5.32 -20.54 -25.07
CA ILE B 157 3.92 -20.35 -25.40
C ILE B 157 3.55 -21.08 -26.69
N GLU B 158 2.50 -21.91 -26.64
CA GLU B 158 2.00 -22.61 -27.83
C GLU B 158 0.92 -21.77 -28.54
N GLY B 159 -0.02 -21.22 -27.77
CA GLY B 159 -1.10 -20.41 -28.32
C GLY B 159 -2.31 -20.41 -27.39
N TRP B 160 -3.41 -19.81 -27.86
CA TRP B 160 -4.64 -19.64 -27.13
C TRP B 160 -5.73 -20.52 -27.69
N ARG B 161 -6.64 -20.99 -26.83
CA ARG B 161 -7.83 -21.73 -27.22
C ARG B 161 -9.03 -21.00 -26.68
N ASP B 162 -10.16 -21.26 -27.30
CA ASP B 162 -11.36 -20.51 -26.99
C ASP B 162 -12.11 -21.03 -25.76
N LYS B 163 -13.18 -20.34 -25.40
CA LYS B 163 -13.96 -20.67 -24.24
C LYS B 163 -14.48 -22.11 -24.25
N SER B 164 -14.95 -22.56 -25.41
CA SER B 164 -15.42 -23.92 -25.61
C SER B 164 -14.40 -24.94 -25.20
N PHE B 165 -13.16 -24.72 -25.62
CA PHE B 165 -12.07 -25.59 -25.21
C PHE B 165 -11.83 -25.54 -23.71
N ALA B 166 -11.92 -24.36 -23.13
CA ALA B 166 -11.76 -24.22 -21.68
C ALA B 166 -12.88 -25.00 -20.95
N HIS B 167 -14.11 -24.90 -21.45
CA HIS B 167 -15.21 -25.65 -20.84
C HIS B 167 -14.90 -27.14 -20.90
N GLU B 168 -14.45 -27.61 -22.05
CA GLU B 168 -14.22 -29.05 -22.21
C GLU B 168 -13.03 -29.46 -21.32
N LEU B 169 -12.00 -28.62 -21.25
CA LEU B 169 -10.88 -28.91 -20.35
C LEU B 169 -11.36 -29.08 -18.90
N ILE B 170 -12.25 -28.19 -18.45
CA ILE B 170 -12.69 -28.21 -17.06
C ILE B 170 -13.60 -29.42 -16.80
N LYS B 171 -14.52 -29.69 -17.73
CA LYS B 171 -15.43 -30.86 -17.61
C LYS B 171 -14.66 -32.18 -17.53
N GLN B 172 -13.63 -32.35 -18.36
CA GLN B 172 -12.78 -33.54 -18.30
C GLN B 172 -12.03 -33.63 -16.96
N ALA B 173 -11.62 -32.47 -16.41
CA ALA B 173 -10.91 -32.44 -15.14
C ALA B 173 -11.85 -32.76 -13.94
N ILE B 174 -13.11 -32.37 -14.05
CA ILE B 174 -14.11 -32.68 -13.03
C ILE B 174 -14.34 -34.20 -13.00
N GLU B 175 -14.59 -34.80 -14.17
CA GLU B 175 -14.76 -36.27 -14.30
C GLU B 175 -13.50 -36.99 -13.82
N ARG B 176 -12.33 -36.47 -14.20
CA ARG B 176 -11.06 -37.10 -13.80
C ARG B 176 -10.86 -37.14 -12.27
N ASN B 177 -11.37 -36.14 -11.56
CA ASN B 177 -11.30 -36.14 -10.10
C ASN B 177 -12.12 -37.27 -9.49
N LYS B 178 -13.26 -37.59 -10.09
CA LYS B 178 -14.20 -38.58 -9.54
C LYS B 178 -13.82 -40.03 -9.87
N ILE C 7 8.27 28.21 -2.27
CA ILE C 7 7.94 28.56 -0.84
C ILE C 7 7.64 30.04 -0.64
N LYS C 8 8.37 30.91 -1.33
CA LYS C 8 8.25 32.36 -1.12
C LYS C 8 6.79 32.83 -1.24
N GLU C 9 5.96 32.10 -1.99
CA GLU C 9 4.54 32.46 -2.14
C GLU C 9 3.59 31.55 -1.33
N ILE C 10 4.12 30.72 -0.44
CA ILE C 10 3.27 30.02 0.54
C ILE C 10 3.24 30.91 1.79
N ALA C 11 2.04 31.35 2.18
CA ALA C 11 1.84 32.13 3.40
C ALA C 11 2.13 31.31 4.67
N VAL C 12 2.48 32.00 5.75
CA VAL C 12 2.68 31.35 7.06
C VAL C 12 1.40 30.66 7.52
N GLY C 13 0.27 31.28 7.18
CA GLY C 13 -1.07 30.82 7.51
C GLY C 13 -2.06 31.91 7.15
N LYS C 14 -3.35 31.69 7.41
CA LYS C 14 -4.38 32.74 7.20
C LYS C 14 -4.47 33.73 8.37
N ASN C 15 -4.62 33.20 9.58
CA ASN C 15 -4.56 34.01 10.80
C ASN C 15 -3.56 33.41 11.82
N PRO C 16 -2.27 33.44 11.49
CA PRO C 16 -1.32 32.82 12.40
C PRO C 16 -1.19 33.60 13.71
N PRO C 17 -0.84 32.92 14.81
CA PRO C 17 -0.50 31.50 14.90
C PRO C 17 -1.68 30.57 15.16
N GLU C 18 -2.91 31.08 15.13
CA GLU C 18 -4.11 30.25 15.34
C GLU C 18 -4.16 29.09 14.34
N ASP C 19 -3.92 29.43 13.07
CA ASP C 19 -3.65 28.45 12.00
C ASP C 19 -2.29 28.69 11.38
N VAL C 20 -1.62 27.60 11.02
CA VAL C 20 -0.41 27.68 10.19
C VAL C 20 -0.42 26.65 9.05
N ASN C 21 0.24 27.01 7.96
CA ASN C 21 0.50 26.10 6.86
C ASN C 21 1.75 25.29 7.16
N VAL C 22 1.65 23.98 7.01
CA VAL C 22 2.76 23.10 7.24
C VAL C 22 3.13 22.48 5.90
N ILE C 23 4.41 22.52 5.54
CA ILE C 23 4.91 21.79 4.39
C ILE C 23 5.38 20.44 4.91
N VAL C 24 4.75 19.39 4.43
CA VAL C 24 4.95 18.03 4.90
C VAL C 24 6.26 17.52 4.30
N GLU C 25 7.11 16.98 5.16
CA GLU C 25 8.32 16.31 4.77
C GLU C 25 8.23 14.80 4.94
N VAL C 26 7.52 14.32 5.94
CA VAL C 26 7.48 12.89 6.24
C VAL C 26 6.06 12.46 6.50
N SER C 27 5.61 11.42 5.80
CA SER C 27 4.28 10.88 6.00
C SER C 27 4.26 10.04 7.21
N LEU C 28 3.16 10.12 7.94
CA LEU C 28 2.85 9.19 9.04
C LEU C 28 2.99 7.75 8.56
N GLY C 29 3.55 6.90 9.41
CA GLY C 29 3.62 5.48 9.14
C GLY C 29 4.43 5.16 7.87
N GLY C 30 3.97 4.16 7.14
CA GLY C 30 4.59 3.78 5.85
C GLY C 30 6.07 3.45 5.96
N GLN C 31 6.84 3.99 5.01
CA GLN C 31 8.29 3.73 4.93
C GLN C 31 9.06 4.65 5.90
N PRO C 32 10.11 4.11 6.54
CA PRO C 32 10.87 4.92 7.47
C PRO C 32 11.85 5.80 6.72
N ILE C 33 11.32 6.74 5.94
CA ILE C 33 12.17 7.59 5.10
C ILE C 33 12.04 9.05 5.52
N LYS C 34 13.14 9.60 6.00
CA LYS C 34 13.14 10.96 6.51
C LYS C 34 13.54 11.93 5.41
N TYR C 35 12.54 12.46 4.71
CA TYR C 35 12.79 13.47 3.70
C TYR C 35 12.99 14.76 4.42
N GLU C 36 13.73 15.64 3.81
CA GLU C 36 13.95 16.96 4.34
C GLU C 36 13.99 17.90 3.18
N MET C 37 13.19 18.95 3.23
CA MET C 37 13.25 19.95 2.19
C MET C 37 14.52 20.77 2.29
N ASP C 38 15.19 20.90 1.16
CA ASP C 38 16.43 21.65 1.04
C ASP C 38 16.05 23.13 0.82
N LYS C 39 16.65 24.00 1.63
CA LYS C 39 16.50 25.45 1.53
C LYS C 39 16.80 25.92 0.11
N LYS C 40 18.04 25.70 -0.33
CA LYS C 40 18.54 26.35 -1.57
C LYS C 40 17.77 25.97 -2.83
N SER C 41 17.22 24.75 -2.89
CA SER C 41 16.62 24.22 -4.13
C SER C 41 15.14 23.93 -4.07
N GLY C 42 14.57 23.83 -2.86
CA GLY C 42 13.17 23.44 -2.70
C GLY C 42 12.89 21.96 -2.95
N ALA C 43 13.93 21.16 -3.16
CA ALA C 43 13.72 19.73 -3.45
C ALA C 43 13.67 18.94 -2.15
N LEU C 44 12.92 17.86 -2.15
CA LEU C 44 12.92 16.96 -1.02
C LEU C 44 14.10 16.03 -1.17
N PHE C 45 15.05 16.07 -0.23
CA PHE C 45 16.19 15.14 -0.22
C PHE C 45 15.90 14.05 0.77
N VAL C 46 16.50 12.90 0.57
CA VAL C 46 16.49 11.85 1.60
C VAL C 46 17.53 12.21 2.65
N ASP C 47 17.09 12.58 3.85
CA ASP C 47 18.10 12.89 4.89
C ASP C 47 18.67 11.59 5.41
N ARG C 48 17.80 10.63 5.68
CA ARG C 48 18.24 9.30 6.06
C ARG C 48 17.09 8.33 6.07
N PHE C 49 17.42 7.05 6.12
CA PHE C 49 16.42 6.08 6.48
C PHE C 49 16.52 6.04 7.99
N LEU C 50 15.42 5.82 8.69
CA LEU C 50 15.50 5.78 10.13
C LEU C 50 16.44 4.64 10.54
N TYR C 51 17.27 4.89 11.55
CA TYR C 51 18.18 3.85 12.08
C TYR C 51 17.52 2.83 13.02
N THR C 52 16.32 3.16 13.46
CA THR C 52 15.55 2.26 14.28
C THR C 52 14.32 1.76 13.52
N SER C 53 13.75 0.65 14.01
CA SER C 53 12.56 0.04 13.43
C SER C 53 11.31 0.75 13.93
N MET C 54 11.28 2.05 13.63
CA MET C 54 10.22 2.95 14.08
C MET C 54 9.64 3.66 12.90
N VAL C 55 8.47 4.26 13.09
CA VAL C 55 7.82 5.06 12.05
C VAL C 55 7.21 6.28 12.72
N TYR C 56 7.10 7.36 11.94
CA TYR C 56 6.59 8.61 12.45
C TYR C 56 5.15 8.39 12.92
N PRO C 57 4.82 8.89 14.12
CA PRO C 57 3.51 8.76 14.68
C PRO C 57 2.52 9.82 14.21
N GLY C 58 2.97 10.72 13.36
CA GLY C 58 2.10 11.61 12.62
C GLY C 58 2.82 12.15 11.39
N ASN C 59 2.15 13.04 10.68
CA ASN C 59 2.74 13.68 9.50
C ASN C 59 3.59 14.82 10.00
N TYR C 60 4.78 14.96 9.44
CA TYR C 60 5.76 15.82 10.01
C TYR C 60 6.28 16.82 9.00
N GLY C 61 6.45 18.07 9.41
CA GLY C 61 6.93 19.06 8.50
C GLY C 61 7.24 20.34 9.19
N PHE C 62 7.30 21.41 8.42
CA PHE C 62 7.67 22.69 8.97
C PHE C 62 6.81 23.85 8.46
N VAL C 63 6.84 24.97 9.19
CA VAL C 63 6.05 26.15 8.80
C VAL C 63 6.98 27.13 8.08
N PRO C 64 6.66 27.49 6.83
CA PRO C 64 7.61 28.38 6.14
C PRO C 64 7.57 29.79 6.71
N HIS C 65 8.66 30.53 6.50
CA HIS C 65 8.82 31.91 6.97
C HIS C 65 8.79 32.03 8.52
N THR C 66 9.34 31.02 9.18
CA THR C 66 9.55 31.04 10.61
C THR C 66 10.98 30.68 10.87
N LEU C 67 11.53 31.22 11.95
CA LEU C 67 12.90 30.97 12.34
C LEU C 67 12.99 30.85 13.86
N SER C 68 13.45 29.68 14.32
CA SER C 68 13.72 29.45 15.73
C SER C 68 15.04 30.10 16.13
N GLU C 69 15.32 30.12 17.44
CA GLU C 69 16.60 30.63 17.94
C GLU C 69 17.81 29.89 17.32
N ASP C 70 17.61 28.64 16.93
CA ASP C 70 18.70 27.80 16.46
C ASP C 70 18.83 27.79 14.93
N GLY C 71 18.16 28.70 14.23
CA GLY C 71 18.33 28.87 12.79
C GLY C 71 17.46 28.02 11.86
N ASP C 72 16.54 27.23 12.42
CA ASP C 72 15.64 26.37 11.62
C ASP C 72 14.18 26.83 11.68
N PRO C 73 13.37 26.43 10.70
CA PRO C 73 11.98 26.78 10.77
C PRO C 73 11.28 26.02 11.87
N ILE C 74 10.13 26.50 12.30
CA ILE C 74 9.27 25.80 13.26
C ILE C 74 8.84 24.45 12.69
N ASP C 75 9.15 23.41 13.46
CA ASP C 75 8.80 22.01 13.28
C ASP C 75 7.38 21.73 13.76
N VAL C 76 6.61 20.92 13.04
CA VAL C 76 5.26 20.53 13.45
C VAL C 76 4.95 19.04 13.20
N LEU C 77 4.43 18.36 14.23
CA LEU C 77 3.89 17.04 14.08
C LEU C 77 2.36 17.14 14.02
N ILE C 78 1.79 16.75 12.89
CA ILE C 78 0.37 16.77 12.68
C ILE C 78 -0.17 15.42 13.13
N CYS C 79 -1.06 15.42 14.12
CA CYS C 79 -1.50 14.14 14.70
CA CYS C 79 -1.55 14.21 14.77
C CYS C 79 -2.86 13.68 14.20
N ASN C 80 -2.99 13.67 12.90
CA ASN C 80 -4.11 13.03 12.25
C ASN C 80 -3.74 11.57 11.95
N THR C 81 -4.63 10.81 11.30
CA THR C 81 -4.40 9.38 11.11
C THR C 81 -4.04 8.99 9.68
N ARG C 82 -4.24 9.87 8.70
CA ARG C 82 -4.02 9.52 7.29
C ARG C 82 -2.66 10.07 6.82
N PRO C 83 -1.89 9.25 6.08
CA PRO C 83 -0.63 9.71 5.51
C PRO C 83 -0.85 10.77 4.45
N LEU C 84 0.01 11.78 4.48
CA LEU C 84 -0.04 12.89 3.53
C LEU C 84 1.21 12.82 2.64
N LEU C 85 1.05 13.24 1.39
CA LEU C 85 2.12 13.28 0.39
C LEU C 85 3.21 14.25 0.85
N PRO C 86 4.45 13.77 0.95
CA PRO C 86 5.54 14.69 1.25
C PRO C 86 5.62 15.78 0.18
N GLY C 87 5.78 17.04 0.55
CA GLY C 87 5.78 18.11 -0.44
C GLY C 87 4.47 18.88 -0.49
N CYS C 88 3.39 18.28 -0.02
CA CYS C 88 2.12 19.01 0.10
C CYS C 88 2.12 19.98 1.27
N VAL C 89 1.12 20.88 1.22
CA VAL C 89 0.91 21.90 2.21
C VAL C 89 -0.46 21.70 2.86
N ILE C 90 -0.53 21.82 4.18
CA ILE C 90 -1.76 21.58 4.92
C ILE C 90 -1.91 22.61 6.00
N ASN C 91 -3.11 23.19 6.08
CA ASN C 91 -3.44 24.17 7.05
C ASN C 91 -3.90 23.47 8.35
N VAL C 92 -3.30 23.81 9.48
CA VAL C 92 -3.53 23.10 10.73
C VAL C 92 -3.62 24.05 11.92
N TYR C 93 -4.23 23.59 13.00
CA TYR C 93 -4.26 24.31 14.27
C TYR C 93 -3.20 23.78 15.19
N PRO C 94 -2.20 24.61 15.53
CA PRO C 94 -1.37 24.25 16.69
C PRO C 94 -2.24 24.08 17.96
N ILE C 95 -2.02 23.01 18.72
CA ILE C 95 -2.74 22.75 19.95
C ILE C 95 -1.84 22.49 21.15
N GLY C 96 -0.52 22.49 20.95
CA GLY C 96 0.45 22.23 21.99
C GLY C 96 1.85 22.13 21.44
N ALA C 97 2.78 21.78 22.33
CA ALA C 97 4.18 21.64 22.01
C ALA C 97 4.79 20.61 22.91
N LEU C 98 5.70 19.83 22.33
CA LEU C 98 6.51 18.84 23.03
C LEU C 98 7.88 19.47 23.25
N ILE C 99 8.32 19.56 24.50
CA ILE C 99 9.60 20.17 24.83
C ILE C 99 10.64 19.07 25.10
N MET C 100 11.77 19.13 24.42
CA MET C 100 12.80 18.15 24.64
C MET C 100 14.19 18.75 24.63
N GLU C 101 15.14 18.00 25.15
CA GLU C 101 16.56 18.36 25.06
C GLU C 101 17.21 17.24 24.30
N ASP C 102 17.97 17.59 23.27
CA ASP C 102 18.75 16.59 22.57
C ASP C 102 20.25 16.97 22.55
N ASP C 103 21.02 16.12 21.88
CA ASP C 103 22.47 16.29 21.75
C ASP C 103 22.85 17.65 21.13
N GLY C 104 21.92 18.26 20.39
CA GLY C 104 22.08 19.62 19.87
C GLY C 104 21.41 20.75 20.67
N GLY C 105 20.95 20.47 21.90
CA GLY C 105 20.32 21.50 22.76
C GLY C 105 18.79 21.42 22.83
N LYS C 106 18.13 22.59 23.00
CA LYS C 106 16.65 22.66 23.07
C LYS C 106 15.95 22.36 21.73
N ASP C 107 14.98 21.45 21.77
CA ASP C 107 14.19 21.04 20.59
C ASP C 107 12.72 21.12 20.99
N GLU C 108 11.97 22.04 20.40
CA GLU C 108 10.55 22.19 20.73
C GLU C 108 9.72 21.90 19.49
N LYS C 109 8.86 20.89 19.53
CA LYS C 109 8.02 20.53 18.38
C LYS C 109 6.57 20.87 18.64
N ILE C 110 5.98 21.61 17.72
CA ILE C 110 4.58 21.94 17.79
C ILE C 110 3.78 20.69 17.45
N ILE C 111 2.66 20.50 18.15
CA ILE C 111 1.68 19.44 17.82
C ILE C 111 0.46 20.13 17.26
N ALA C 112 -0.09 19.61 16.14
CA ALA C 112 -1.16 20.28 15.42
C ALA C 112 -2.19 19.26 14.90
N ILE C 113 -3.39 19.75 14.62
CA ILE C 113 -4.43 18.95 13.98
C ILE C 113 -4.93 19.68 12.76
N PRO C 114 -5.46 18.94 11.79
CA PRO C 114 -6.09 19.65 10.66
C PRO C 114 -7.23 20.53 11.13
N THR C 115 -7.46 21.63 10.43
CA THR C 115 -8.56 22.53 10.76
C THR C 115 -9.93 21.97 10.38
N PRO C 116 -11.01 22.57 10.94
CA PRO C 116 -12.36 22.08 10.62
C PRO C 116 -12.77 22.20 9.16
N LYS C 117 -12.21 23.15 8.42
CA LYS C 117 -12.52 23.23 6.99
C LYS C 117 -12.04 21.98 6.25
N LEU C 118 -10.90 21.41 6.65
CA LEU C 118 -10.37 20.23 6.01
C LEU C 118 -11.07 18.94 6.46
N THR C 119 -11.39 18.88 7.75
CA THR C 119 -12.10 17.75 8.31
C THR C 119 -12.82 18.10 9.62
N GLN C 120 -14.04 17.57 9.77
CA GLN C 120 -14.85 17.70 10.98
C GLN C 120 -14.52 16.64 12.04
N ARG C 121 -13.56 15.77 11.75
CA ARG C 121 -13.22 14.69 12.66
C ARG C 121 -12.66 15.17 14.02
N TYR C 122 -12.08 16.39 14.04
CA TYR C 122 -11.37 16.90 15.23
C TYR C 122 -12.06 18.09 15.88
N ASN C 123 -13.35 18.24 15.66
CA ASN C 123 -14.06 19.40 16.15
C ASN C 123 -13.99 19.55 17.66
N ASN C 124 -13.83 18.44 18.37
CA ASN C 124 -13.72 18.53 19.83
C ASN C 124 -12.29 18.46 20.35
N ILE C 125 -11.31 18.64 19.47
CA ILE C 125 -9.94 18.71 19.92
C ILE C 125 -9.47 20.15 19.92
N HIS C 126 -9.33 20.77 21.07
CA HIS C 126 -8.95 22.18 21.11
C HIS C 126 -7.59 22.41 21.70
N ASP C 127 -7.04 21.38 22.33
CA ASP C 127 -5.81 21.44 23.10
C ASP C 127 -5.14 20.06 23.06
N TYR C 128 -3.82 19.98 23.18
CA TYR C 128 -3.14 18.68 23.13
C TYR C 128 -3.68 17.68 24.18
N THR C 129 -4.15 18.20 25.32
CA THR C 129 -4.73 17.37 26.39
C THR C 129 -6.06 16.69 26.01
N ASP C 130 -6.65 17.10 24.89
CA ASP C 130 -7.85 16.41 24.39
C ASP C 130 -7.50 15.16 23.55
N LEU C 131 -6.27 15.09 23.07
CA LEU C 131 -5.80 13.91 22.36
C LEU C 131 -5.75 12.78 23.33
N PRO C 132 -5.93 11.54 22.84
CA PRO C 132 -5.80 10.41 23.77
C PRO C 132 -4.41 10.36 24.40
N GLU C 133 -4.37 9.95 25.66
CA GLU C 133 -3.13 9.94 26.40
C GLU C 133 -2.06 9.11 25.70
N ILE C 134 -2.46 7.95 25.19
CA ILE C 134 -1.50 7.05 24.57
C ILE C 134 -0.88 7.68 23.31
N THR C 135 -1.60 8.59 22.64
CA THR C 135 -1.09 9.27 21.48
C THR C 135 0.05 10.21 21.83
N LEU C 136 -0.15 10.97 22.91
CA LEU C 136 0.89 11.82 23.47
C LEU C 136 2.13 11.02 23.88
N LYS C 137 1.91 9.89 24.56
CA LYS C 137 3.01 9.04 25.04
C LYS C 137 3.81 8.43 23.89
N GLN C 138 3.12 8.07 22.82
CA GLN C 138 3.75 7.48 21.65
C GLN C 138 4.61 8.53 20.97
N ILE C 139 4.09 9.75 20.88
CA ILE C 139 4.88 10.84 20.30
C ILE C 139 6.17 11.05 21.10
N GLU C 140 6.04 11.18 22.44
CA GLU C 140 7.19 11.30 23.32
C GLU C 140 8.20 10.21 23.09
N HIS C 141 7.71 8.98 23.12
CA HIS C 141 8.55 7.82 23.02
C HIS C 141 9.25 7.73 21.64
N PHE C 142 8.54 8.16 20.61
CA PHE C 142 9.14 8.19 19.28
C PHE C 142 10.33 9.12 19.27
N PHE C 143 10.11 10.35 19.70
CA PHE C 143 11.15 11.36 19.63
C PHE C 143 12.30 11.04 20.57
N GLU C 144 11.96 10.44 21.72
CA GLU C 144 12.95 9.97 22.64
C GLU C 144 13.88 8.88 22.06
N HIS C 145 13.33 7.96 21.25
CA HIS C 145 14.09 6.76 20.85
C HIS C 145 14.44 6.61 19.38
N TYR C 146 13.86 7.40 18.49
CA TYR C 146 14.07 7.10 17.08
C TYR C 146 15.52 7.23 16.60
N LYS C 147 16.33 7.99 17.31
CA LYS C 147 17.75 8.17 16.96
C LYS C 147 18.67 7.33 17.84
N ASP C 148 18.11 6.34 18.54
CA ASP C 148 18.91 5.58 19.49
C ASP C 148 20.10 4.91 18.85
N LEU C 149 19.96 4.46 17.61
CA LEU C 149 21.06 3.76 16.99
C LEU C 149 21.93 4.65 16.10
N GLU C 150 21.65 5.95 16.05
CA GLU C 150 22.55 6.92 15.43
C GLU C 150 23.67 7.30 16.41
N PRO C 151 24.94 7.17 15.98
CA PRO C 151 26.01 7.41 16.93
C PRO C 151 26.04 8.86 17.47
N GLY C 152 26.14 9.01 18.79
CA GLY C 152 26.25 10.31 19.44
C GLY C 152 24.93 11.04 19.67
N LYS C 153 23.81 10.40 19.32
CA LYS C 153 22.52 11.07 19.28
C LYS C 153 21.65 10.58 20.45
N TRP C 154 21.02 11.52 21.14
CA TRP C 154 20.09 11.19 22.22
C TRP C 154 19.04 12.27 22.33
N ALA C 155 17.95 11.94 23.02
CA ALA C 155 16.91 12.92 23.35
C ALA C 155 16.31 12.63 24.74
N LYS C 156 16.03 13.69 25.49
CA LYS C 156 15.31 13.52 26.73
C LYS C 156 14.05 14.36 26.63
N ILE C 157 12.96 13.83 27.15
CA ILE C 157 11.69 14.54 27.17
C ILE C 157 11.58 15.39 28.41
N GLU C 158 11.44 16.69 28.20
CA GLU C 158 11.20 17.65 29.29
C GLU C 158 9.70 17.56 29.67
N GLY C 159 8.82 17.73 28.68
CA GLY C 159 7.37 17.72 28.93
C GLY C 159 6.57 18.44 27.85
N TRP C 160 5.27 18.61 28.09
CA TRP C 160 4.36 19.23 27.15
C TRP C 160 3.98 20.65 27.61
N ARG C 161 3.79 21.55 26.67
CA ARG C 161 3.27 22.88 26.98
C ARG C 161 2.04 23.10 26.15
N ASP C 162 1.21 24.06 26.56
CA ASP C 162 -0.13 24.20 26.01
C ASP C 162 -0.17 24.95 24.68
N LYS C 163 -1.35 25.05 24.12
CA LYS C 163 -1.61 25.77 22.88
C LYS C 163 -1.09 27.22 22.95
N SER C 164 -1.32 27.92 24.06
CA SER C 164 -0.93 29.36 24.14
C SER C 164 0.57 29.49 24.04
N PHE C 165 1.30 28.55 24.60
CA PHE C 165 2.75 28.49 24.44
C PHE C 165 3.11 28.25 22.96
N ALA C 166 2.43 27.31 22.31
CA ALA C 166 2.74 27.04 20.91
C ALA C 166 2.49 28.31 20.11
N HIS C 167 1.40 29.01 20.42
CA HIS C 167 1.09 30.26 19.73
C HIS C 167 2.23 31.28 19.85
N GLU C 168 2.76 31.40 21.05
CA GLU C 168 3.79 32.37 21.37
C GLU C 168 5.10 31.99 20.64
N LEU C 169 5.47 30.72 20.70
CA LEU C 169 6.65 30.23 19.97
C LEU C 169 6.58 30.53 18.47
N ILE C 170 5.44 30.20 17.86
CA ILE C 170 5.22 30.53 16.45
C ILE C 170 5.30 32.04 16.23
N LYS C 171 4.53 32.80 16.98
CA LYS C 171 4.53 34.27 16.90
C LYS C 171 5.95 34.82 16.89
N GLN C 172 6.80 34.29 17.76
CA GLN C 172 8.17 34.81 17.93
C GLN C 172 9.09 34.35 16.80
N ALA C 173 8.80 33.20 16.23
CA ALA C 173 9.54 32.67 15.10
C ALA C 173 9.21 33.43 13.82
N ILE C 174 7.98 33.93 13.73
CA ILE C 174 7.56 34.77 12.61
C ILE C 174 8.34 36.09 12.71
N GLU C 175 8.40 36.68 13.90
CA GLU C 175 9.11 37.94 14.12
C GLU C 175 10.60 37.76 13.81
N ARG C 176 11.19 36.69 14.33
CA ARG C 176 12.62 36.45 14.17
C ARG C 176 13.00 36.34 12.68
N ASN C 177 12.07 35.83 11.88
CA ASN C 177 12.27 35.68 10.45
C ASN C 177 12.30 37.03 9.70
N LYS C 178 11.63 38.05 10.23
CA LYS C 178 11.52 39.36 9.54
C LYS C 178 12.63 40.33 9.94
N ILE D 7 -14.76 -22.44 13.65
CA ILE D 7 -15.66 -21.42 14.27
C ILE D 7 -16.14 -21.86 15.63
N LYS D 8 -16.48 -23.15 15.77
CA LYS D 8 -17.06 -23.67 17.01
C LYS D 8 -16.16 -23.41 18.22
N GLU D 9 -14.86 -23.29 18.00
CA GLU D 9 -13.93 -23.09 19.08
C GLU D 9 -13.69 -21.60 19.40
N ILE D 10 -14.30 -20.70 18.62
CA ILE D 10 -14.25 -19.27 18.88
C ILE D 10 -15.44 -18.86 19.73
N ALA D 11 -15.16 -18.33 20.92
CA ALA D 11 -16.19 -17.88 21.84
C ALA D 11 -16.90 -16.65 21.29
N VAL D 12 -18.17 -16.51 21.69
CA VAL D 12 -18.94 -15.30 21.41
C VAL D 12 -18.20 -14.06 21.93
N GLY D 13 -17.60 -14.19 23.11
CA GLY D 13 -16.84 -13.11 23.75
C GLY D 13 -16.32 -13.53 25.12
N LYS D 14 -15.63 -12.63 25.82
CA LYS D 14 -15.15 -12.95 27.19
C LYS D 14 -16.31 -12.86 28.18
N ASN D 15 -16.97 -11.70 28.17
CA ASN D 15 -18.10 -11.40 29.04
C ASN D 15 -19.21 -10.78 28.17
N PRO D 16 -19.80 -11.55 27.26
CA PRO D 16 -20.80 -10.93 26.37
C PRO D 16 -22.06 -10.48 27.12
N PRO D 17 -22.72 -9.41 26.64
CA PRO D 17 -22.52 -8.56 25.47
C PRO D 17 -21.61 -7.35 25.68
N GLU D 18 -21.06 -7.16 26.86
CA GLU D 18 -20.15 -6.04 27.12
C GLU D 18 -19.01 -6.03 26.08
N ASP D 19 -18.47 -7.21 25.79
CA ASP D 19 -17.52 -7.40 24.71
C ASP D 19 -17.98 -8.56 23.83
N VAL D 20 -17.59 -8.55 22.56
CA VAL D 20 -17.80 -9.68 21.67
C VAL D 20 -16.60 -9.85 20.74
N ASN D 21 -16.43 -11.09 20.30
CA ASN D 21 -15.49 -11.39 19.26
C ASN D 21 -16.14 -11.20 17.91
N VAL D 22 -15.44 -10.48 17.04
CA VAL D 22 -15.88 -10.24 15.68
C VAL D 22 -14.89 -10.91 14.73
N ILE D 23 -15.43 -11.78 13.88
CA ILE D 23 -14.68 -12.29 12.70
C ILE D 23 -14.82 -11.25 11.57
N VAL D 24 -13.70 -10.72 11.13
CA VAL D 24 -13.69 -9.60 10.20
C VAL D 24 -13.85 -10.20 8.80
N GLU D 25 -14.78 -9.63 8.04
CA GLU D 25 -14.99 -9.99 6.64
C GLU D 25 -14.46 -8.95 5.67
N VAL D 26 -14.59 -7.67 5.99
CA VAL D 26 -14.21 -6.57 5.08
C VAL D 26 -13.35 -5.59 5.84
N SER D 27 -12.19 -5.26 5.28
CA SER D 27 -11.29 -4.24 5.84
C SER D 27 -11.80 -2.82 5.57
N LEU D 28 -11.57 -1.93 6.52
CA LEU D 28 -11.79 -0.51 6.33
C LEU D 28 -11.01 0.00 5.13
N GLY D 29 -11.66 0.81 4.30
CA GLY D 29 -10.95 1.50 3.23
C GLY D 29 -10.44 0.51 2.20
N GLY D 30 -9.18 0.70 1.76
CA GLY D 30 -8.50 -0.17 0.75
C GLY D 30 -9.40 -0.55 -0.45
N GLN D 31 -9.39 -1.84 -0.82
CA GLN D 31 -10.08 -2.33 -2.03
C GLN D 31 -11.59 -2.53 -1.76
N PRO D 32 -12.47 -2.10 -2.68
CA PRO D 32 -13.91 -2.21 -2.40
C PRO D 32 -14.40 -3.61 -2.72
N ILE D 33 -13.90 -4.57 -1.95
CA ILE D 33 -14.19 -5.99 -2.12
C ILE D 33 -14.96 -6.49 -0.89
N LYS D 34 -16.24 -6.79 -1.07
CA LYS D 34 -17.05 -7.39 0.03
C LYS D 34 -16.89 -8.90 0.16
N TYR D 35 -15.98 -9.33 1.04
CA TYR D 35 -15.89 -10.74 1.39
C TYR D 35 -17.00 -11.13 2.36
N GLU D 36 -17.39 -12.40 2.33
CA GLU D 36 -18.37 -12.96 3.22
C GLU D 36 -17.92 -14.36 3.55
N MET D 37 -17.93 -14.70 4.83
CA MET D 37 -17.56 -16.04 5.25
C MET D 37 -18.70 -16.98 4.94
N ASP D 38 -18.38 -18.02 4.18
CA ASP D 38 -19.35 -19.05 3.82
C ASP D 38 -19.65 -19.87 5.07
N LYS D 39 -20.93 -20.13 5.33
CA LYS D 39 -21.34 -20.89 6.51
C LYS D 39 -20.73 -22.27 6.46
N LYS D 40 -21.01 -23.00 5.38
CA LYS D 40 -20.68 -24.44 5.25
C LYS D 40 -19.20 -24.79 5.10
N SER D 41 -18.41 -23.89 4.52
CA SER D 41 -17.01 -24.18 4.25
C SER D 41 -16.09 -23.45 5.20
N GLY D 42 -16.54 -22.30 5.71
CA GLY D 42 -15.69 -21.43 6.55
C GLY D 42 -14.81 -20.46 5.74
N ALA D 43 -14.78 -20.63 4.42
CA ALA D 43 -13.89 -19.84 3.58
C ALA D 43 -14.50 -18.49 3.31
N LEU D 44 -13.64 -17.50 3.12
CA LEU D 44 -14.06 -16.18 2.67
C LEU D 44 -14.30 -16.22 1.16
N PHE D 45 -15.53 -15.89 0.77
CA PHE D 45 -15.93 -15.80 -0.60
C PHE D 45 -15.99 -14.34 -0.97
N VAL D 46 -15.78 -14.05 -2.25
CA VAL D 46 -16.08 -12.73 -2.77
C VAL D 46 -17.59 -12.66 -3.01
N ASP D 47 -18.30 -11.83 -2.26
CA ASP D 47 -19.75 -11.68 -2.48
C ASP D 47 -19.92 -10.75 -3.66
N ARG D 48 -19.19 -9.65 -3.62
CA ARG D 48 -19.14 -8.76 -4.74
C ARG D 48 -18.05 -7.70 -4.59
N PHE D 49 -17.76 -7.01 -5.68
CA PHE D 49 -17.06 -5.74 -5.64
C PHE D 49 -18.16 -4.74 -5.44
N LEU D 50 -17.91 -3.68 -4.68
CA LEU D 50 -18.97 -2.70 -4.49
C LEU D 50 -19.30 -2.08 -5.85
N TYR D 51 -20.58 -1.79 -6.04
CA TYR D 51 -21.04 -1.16 -7.26
C TYR D 51 -20.93 0.34 -7.25
N THR D 52 -20.66 0.92 -6.09
CA THR D 52 -20.45 2.36 -6.03
C THR D 52 -18.98 2.70 -5.72
N SER D 53 -18.59 3.96 -5.95
CA SER D 53 -17.23 4.38 -5.68
C SER D 53 -17.08 4.74 -4.21
N MET D 54 -17.33 3.76 -3.34
CA MET D 54 -17.28 3.94 -1.91
C MET D 54 -16.39 2.86 -1.29
N VAL D 55 -16.01 3.08 -0.04
CA VAL D 55 -15.28 2.10 0.77
C VAL D 55 -15.87 2.02 2.19
N TYR D 56 -15.76 0.86 2.85
CA TYR D 56 -16.28 0.70 4.21
C TYR D 56 -15.62 1.72 5.15
N PRO D 57 -16.42 2.39 5.99
CA PRO D 57 -15.89 3.37 6.91
C PRO D 57 -15.36 2.76 8.23
N GLY D 58 -15.38 1.43 8.33
CA GLY D 58 -14.92 0.70 9.46
C GLY D 58 -14.63 -0.74 9.01
N ASN D 59 -13.97 -1.49 9.85
CA ASN D 59 -13.79 -2.88 9.59
C ASN D 59 -15.14 -3.48 9.91
N TYR D 60 -15.53 -4.49 9.15
CA TYR D 60 -16.86 -5.03 9.22
C TYR D 60 -16.85 -6.54 9.30
N GLY D 61 -17.69 -7.10 10.17
CA GLY D 61 -17.79 -8.52 10.27
C GLY D 61 -18.94 -8.96 11.11
N PHE D 62 -18.82 -10.15 11.69
CA PHE D 62 -19.95 -10.70 12.42
C PHE D 62 -19.48 -11.36 13.69
N VAL D 63 -20.41 -11.55 14.64
CA VAL D 63 -20.13 -12.22 15.88
C VAL D 63 -20.55 -13.68 15.76
N PRO D 64 -19.63 -14.63 16.01
CA PRO D 64 -20.07 -16.01 15.82
C PRO D 64 -21.06 -16.44 16.87
N HIS D 65 -21.83 -17.48 16.58
CA HIS D 65 -22.81 -18.07 17.48
C HIS D 65 -23.91 -17.10 17.92
N THR D 66 -24.25 -16.18 17.03
CA THR D 66 -25.41 -15.31 17.25
C THR D 66 -26.37 -15.50 16.10
N LEU D 67 -27.65 -15.25 16.31
CA LEU D 67 -28.65 -15.40 15.26
C LEU D 67 -29.65 -14.26 15.41
N SER D 68 -29.73 -13.38 14.42
CA SER D 68 -30.76 -12.34 14.44
C SER D 68 -32.12 -12.94 14.12
N GLU D 69 -33.18 -12.12 14.20
CA GLU D 69 -34.55 -12.57 13.85
C GLU D 69 -34.60 -13.15 12.43
N ASP D 70 -33.82 -12.54 11.53
CA ASP D 70 -33.73 -12.93 10.13
C ASP D 70 -33.11 -14.31 9.88
N GLY D 71 -32.12 -14.70 10.69
CA GLY D 71 -31.42 -16.01 10.53
C GLY D 71 -29.93 -15.86 10.26
N ASP D 72 -29.44 -14.64 10.40
CA ASP D 72 -28.04 -14.29 10.13
C ASP D 72 -27.35 -13.94 11.45
N PRO D 73 -26.01 -14.05 11.49
CA PRO D 73 -25.30 -13.60 12.67
C PRO D 73 -25.45 -12.10 12.88
N ILE D 74 -25.24 -11.63 14.10
CA ILE D 74 -25.10 -10.18 14.41
C ILE D 74 -23.91 -9.55 13.62
N ASP D 75 -24.17 -8.51 12.83
CA ASP D 75 -23.13 -7.78 12.09
C ASP D 75 -22.60 -6.67 12.96
N VAL D 76 -21.31 -6.36 12.79
CA VAL D 76 -20.65 -5.29 13.54
C VAL D 76 -19.74 -4.45 12.66
N LEU D 77 -19.88 -3.15 12.76
CA LEU D 77 -18.94 -2.21 12.16
C LEU D 77 -18.05 -1.73 13.29
N ILE D 78 -16.75 -2.02 13.18
CA ILE D 78 -15.75 -1.60 14.13
C ILE D 78 -15.22 -0.26 13.65
N CYS D 79 -15.35 0.78 14.47
CA CYS D 79 -14.99 2.13 14.01
CA CYS D 79 -15.00 2.13 14.05
C CYS D 79 -13.63 2.57 14.51
N ASN D 80 -12.65 1.72 14.29
CA ASN D 80 -11.26 2.09 14.53
C ASN D 80 -10.68 2.66 13.22
N THR D 81 -9.38 2.92 13.13
CA THR D 81 -8.86 3.59 11.92
C THR D 81 -7.95 2.75 11.06
N ARG D 82 -7.47 1.62 11.59
CA ARG D 82 -6.55 0.79 10.85
C ARG D 82 -7.27 -0.42 10.27
N PRO D 83 -6.85 -0.81 9.06
CA PRO D 83 -7.43 -1.98 8.42
C PRO D 83 -6.98 -3.26 9.06
N LEU D 84 -7.92 -4.20 9.17
CA LEU D 84 -7.67 -5.48 9.79
C LEU D 84 -7.77 -6.55 8.69
N LEU D 85 -7.01 -7.62 8.84
CA LEU D 85 -7.02 -8.70 7.88
C LEU D 85 -8.39 -9.41 7.88
N PRO D 86 -9.01 -9.54 6.69
CA PRO D 86 -10.24 -10.36 6.60
C PRO D 86 -9.93 -11.80 7.07
N GLY D 87 -10.82 -12.34 7.89
CA GLY D 87 -10.64 -13.65 8.48
C GLY D 87 -10.05 -13.62 9.88
N CYS D 88 -9.47 -12.49 10.31
CA CYS D 88 -9.03 -12.35 11.72
C CYS D 88 -10.19 -12.25 12.69
N VAL D 89 -9.89 -12.47 13.96
CA VAL D 89 -10.84 -12.23 15.07
C VAL D 89 -10.32 -11.07 15.94
N ILE D 90 -11.20 -10.15 16.31
CA ILE D 90 -10.87 -9.02 17.18
C ILE D 90 -11.97 -8.86 18.25
N ASN D 91 -11.54 -8.71 19.50
CA ASN D 91 -12.45 -8.49 20.65
C ASN D 91 -12.78 -7.01 20.75
N VAL D 92 -14.06 -6.68 20.75
CA VAL D 92 -14.53 -5.29 20.69
C VAL D 92 -15.61 -4.99 21.75
N TYR D 93 -15.77 -3.72 22.07
CA TYR D 93 -16.89 -3.29 22.89
C TYR D 93 -18.01 -2.75 22.00
N PRO D 94 -19.19 -3.38 22.01
CA PRO D 94 -20.34 -2.70 21.39
C PRO D 94 -20.63 -1.37 22.07
N ILE D 95 -20.85 -0.31 21.30
CA ILE D 95 -21.21 0.99 21.90
C ILE D 95 -22.51 1.61 21.39
N GLY D 96 -23.23 0.88 20.55
CA GLY D 96 -24.51 1.34 20.04
C GLY D 96 -24.90 0.53 18.83
N ALA D 97 -25.99 0.94 18.19
CA ALA D 97 -26.47 0.24 17.02
C ALA D 97 -27.09 1.22 16.04
N LEU D 98 -26.96 0.91 14.76
CA LEU D 98 -27.50 1.73 13.69
C LEU D 98 -28.67 0.92 13.18
N ILE D 99 -29.87 1.51 13.25
CA ILE D 99 -31.10 0.83 12.87
C ILE D 99 -31.46 1.29 11.45
N MET D 100 -31.68 0.31 10.58
CA MET D 100 -31.93 0.57 9.17
C MET D 100 -33.06 -0.26 8.61
N GLU D 101 -33.55 0.15 7.45
CA GLU D 101 -34.46 -0.66 6.63
C GLU D 101 -33.82 -0.91 5.25
N ASP D 102 -33.72 -2.19 4.92
CA ASP D 102 -33.16 -2.74 3.69
C ASP D 102 -34.30 -3.11 2.74
N ASP D 103 -33.94 -3.42 1.50
CA ASP D 103 -34.86 -4.03 0.54
C ASP D 103 -35.30 -5.41 1.01
N GLY D 104 -34.51 -6.00 1.91
CA GLY D 104 -34.88 -7.26 2.59
C GLY D 104 -35.41 -7.19 4.02
N GLY D 105 -35.83 -6.02 4.50
CA GLY D 105 -36.42 -5.86 5.85
C GLY D 105 -35.55 -5.09 6.82
N LYS D 106 -35.83 -5.21 8.12
CA LYS D 106 -35.10 -4.49 9.16
C LYS D 106 -33.67 -5.00 9.25
N ASP D 107 -32.74 -4.08 9.42
CA ASP D 107 -31.34 -4.41 9.51
C ASP D 107 -30.76 -3.60 10.68
N GLU D 108 -30.13 -4.26 11.63
CA GLU D 108 -29.55 -3.55 12.76
C GLU D 108 -28.07 -3.88 12.75
N LYS D 109 -27.19 -2.85 12.70
CA LYS D 109 -25.75 -3.01 12.78
C LYS D 109 -25.22 -2.56 14.13
N ILE D 110 -24.45 -3.40 14.80
CA ILE D 110 -23.75 -2.98 16.02
C ILE D 110 -22.55 -2.08 15.62
N ILE D 111 -22.39 -0.98 16.33
CA ILE D 111 -21.22 -0.15 16.22
C ILE D 111 -20.37 -0.45 17.43
N ALA D 112 -19.09 -0.68 17.17
CA ALA D 112 -18.17 -1.13 18.22
C ALA D 112 -16.77 -0.55 18.09
N ILE D 113 -16.02 -0.63 19.18
CA ILE D 113 -14.63 -0.19 19.22
C ILE D 113 -13.76 -1.27 19.83
N PRO D 114 -12.47 -1.26 19.47
CA PRO D 114 -11.62 -2.26 20.12
C PRO D 114 -11.53 -2.00 21.61
N THR D 115 -11.31 -3.07 22.37
CA THR D 115 -11.16 -2.95 23.81
C THR D 115 -9.82 -2.30 24.21
N PRO D 116 -9.76 -1.73 25.43
CA PRO D 116 -8.53 -1.16 25.98
C PRO D 116 -7.33 -2.12 26.06
N LYS D 117 -7.57 -3.42 26.24
CA LYS D 117 -6.48 -4.39 26.16
C LYS D 117 -5.78 -4.34 24.80
N LEU D 118 -6.55 -4.14 23.72
CA LEU D 118 -5.96 -4.10 22.38
C LEU D 118 -5.33 -2.73 22.06
N THR D 119 -5.92 -1.66 22.59
CA THR D 119 -5.44 -0.31 22.30
C THR D 119 -5.98 0.67 23.29
N GLN D 120 -5.13 1.58 23.76
CA GLN D 120 -5.54 2.61 24.71
C GLN D 120 -6.12 3.87 24.06
N ARG D 121 -6.25 3.83 22.75
CA ARG D 121 -6.58 4.99 21.98
C ARG D 121 -8.06 5.40 22.14
N TYR D 122 -8.94 4.45 22.51
CA TYR D 122 -10.39 4.71 22.65
C TYR D 122 -10.86 4.70 24.11
N ASN D 123 -9.99 5.07 25.03
CA ASN D 123 -10.29 4.94 26.46
C ASN D 123 -11.46 5.78 26.93
N ASN D 124 -11.71 6.89 26.26
CA ASN D 124 -12.80 7.77 26.66
C ASN D 124 -14.01 7.60 25.75
N ILE D 125 -14.04 6.54 24.94
CA ILE D 125 -15.19 6.25 24.11
C ILE D 125 -15.97 5.19 24.83
N HIS D 126 -17.19 5.51 25.27
CA HIS D 126 -18.02 4.51 25.96
C HIS D 126 -19.39 4.25 25.31
N ASP D 127 -19.83 5.20 24.47
CA ASP D 127 -21.14 5.19 23.83
CA ASP D 127 -21.13 5.12 23.80
C ASP D 127 -20.95 5.66 22.37
N TYR D 128 -21.82 5.26 21.46
CA TYR D 128 -21.65 5.70 20.07
C TYR D 128 -21.62 7.26 19.98
N THR D 129 -22.33 7.95 20.89
CA THR D 129 -22.36 9.43 20.88
C THR D 129 -21.04 10.11 21.21
N ASP D 130 -20.05 9.34 21.68
CA ASP D 130 -18.70 9.88 21.95
C ASP D 130 -17.85 9.92 20.70
N LEU D 131 -18.28 9.23 19.65
CA LEU D 131 -17.53 9.26 18.42
C LEU D 131 -17.74 10.62 17.81
N PRO D 132 -16.82 11.04 16.95
CA PRO D 132 -17.10 12.31 16.28
C PRO D 132 -18.42 12.30 15.48
N GLU D 133 -19.12 13.41 15.48
CA GLU D 133 -20.38 13.51 14.78
C GLU D 133 -20.21 13.16 13.31
N ILE D 134 -19.15 13.67 12.66
CA ILE D 134 -18.97 13.35 11.27
C ILE D 134 -18.80 11.85 11.03
N THR D 135 -18.21 11.12 11.97
CA THR D 135 -18.06 9.67 11.79
C THR D 135 -19.43 8.97 11.71
N LEU D 136 -20.35 9.36 12.56
CA LEU D 136 -21.66 8.75 12.58
C LEU D 136 -22.37 9.05 11.29
N LYS D 137 -22.28 10.30 10.86
CA LYS D 137 -22.92 10.71 9.61
C LYS D 137 -22.35 9.99 8.38
N GLN D 138 -21.05 9.75 8.37
CA GLN D 138 -20.43 9.02 7.28
C GLN D 138 -20.89 7.56 7.23
N ILE D 139 -21.05 6.93 8.39
CA ILE D 139 -21.51 5.56 8.50
C ILE D 139 -22.94 5.49 7.99
N GLU D 140 -23.83 6.37 8.46
CA GLU D 140 -25.20 6.48 7.92
C GLU D 140 -25.17 6.62 6.40
N HIS D 141 -24.34 7.56 5.93
CA HIS D 141 -24.28 7.89 4.51
C HIS D 141 -23.77 6.70 3.70
N PHE D 142 -22.80 5.98 4.26
CA PHE D 142 -22.28 4.85 3.59
C PHE D 142 -23.39 3.81 3.42
N PHE D 143 -24.05 3.42 4.50
CA PHE D 143 -25.05 2.33 4.38
C PHE D 143 -26.27 2.76 3.57
N GLU D 144 -26.56 4.05 3.57
CA GLU D 144 -27.63 4.61 2.80
C GLU D 144 -27.38 4.49 1.29
N HIS D 145 -26.11 4.56 0.86
CA HIS D 145 -25.78 4.77 -0.57
C HIS D 145 -24.97 3.70 -1.28
N TYR D 146 -24.34 2.77 -0.55
CA TYR D 146 -23.32 1.90 -1.16
C TYR D 146 -23.91 0.88 -2.14
N LYS D 147 -25.21 0.62 -2.02
CA LYS D 147 -25.94 -0.27 -2.93
C LYS D 147 -26.80 0.48 -3.91
N ASP D 148 -26.60 1.81 -4.05
CA ASP D 148 -27.44 2.62 -4.95
C ASP D 148 -27.51 2.06 -6.40
N LEU D 149 -26.39 1.52 -6.90
CA LEU D 149 -26.29 1.11 -8.31
C LEU D 149 -26.47 -0.39 -8.50
N GLU D 150 -26.86 -1.09 -7.45
CA GLU D 150 -27.27 -2.48 -7.52
C GLU D 150 -28.79 -2.50 -7.81
N PRO D 151 -29.20 -3.09 -8.95
CA PRO D 151 -30.62 -3.10 -9.31
C PRO D 151 -31.47 -3.77 -8.24
N GLY D 152 -32.57 -3.13 -7.84
CA GLY D 152 -33.48 -3.67 -6.80
C GLY D 152 -33.07 -3.56 -5.32
N LYS D 153 -31.87 -3.06 -5.04
CA LYS D 153 -31.39 -2.95 -3.67
C LYS D 153 -31.48 -1.49 -3.23
N TRP D 154 -31.72 -1.30 -1.94
CA TRP D 154 -31.88 0.03 -1.36
C TRP D 154 -31.84 -0.06 0.17
N ALA D 155 -31.71 1.10 0.81
CA ALA D 155 -31.57 1.18 2.26
C ALA D 155 -31.92 2.57 2.77
N LYS D 156 -32.62 2.60 3.89
CA LYS D 156 -32.96 3.85 4.55
C LYS D 156 -32.52 3.73 6.01
N ILE D 157 -32.00 4.84 6.54
CA ILE D 157 -31.61 4.95 7.94
C ILE D 157 -32.83 5.31 8.78
N GLU D 158 -33.15 4.50 9.79
CA GLU D 158 -34.20 4.86 10.77
C GLU D 158 -33.64 5.71 11.94
N GLY D 159 -32.53 5.26 12.53
CA GLY D 159 -31.82 6.03 13.54
C GLY D 159 -30.79 5.21 14.30
N TRP D 160 -30.30 5.74 15.41
CA TRP D 160 -29.27 5.12 16.24
C TRP D 160 -29.87 4.75 17.58
N ARG D 161 -29.33 3.69 18.19
CA ARG D 161 -29.72 3.26 19.50
C ARG D 161 -28.47 3.11 20.34
N ASP D 162 -28.64 3.26 21.65
CA ASP D 162 -27.53 3.36 22.56
C ASP D 162 -26.91 2.00 22.92
N LYS D 163 -25.85 2.06 23.72
CA LYS D 163 -25.12 0.86 24.07
C LYS D 163 -26.01 -0.20 24.75
N SER D 164 -26.93 0.24 25.60
CA SER D 164 -27.88 -0.67 26.28
C SER D 164 -28.72 -1.46 25.30
N PHE D 165 -29.22 -0.81 24.28
CA PHE D 165 -29.97 -1.51 23.21
C PHE D 165 -29.10 -2.49 22.46
N ALA D 166 -27.89 -2.08 22.16
CA ALA D 166 -26.94 -2.98 21.50
C ALA D 166 -26.71 -4.25 22.35
N HIS D 167 -26.51 -4.06 23.66
CA HIS D 167 -26.27 -5.16 24.61
C HIS D 167 -27.47 -6.13 24.64
N GLU D 168 -28.67 -5.55 24.61
CA GLU D 168 -29.89 -6.31 24.59
C GLU D 168 -30.07 -7.07 23.27
N LEU D 169 -29.88 -6.39 22.14
CA LEU D 169 -29.88 -7.04 20.83
C LEU D 169 -28.94 -8.27 20.79
N ILE D 170 -27.70 -8.10 21.25
CA ILE D 170 -26.72 -9.17 21.24
C ILE D 170 -27.14 -10.32 22.18
N LYS D 171 -27.58 -9.99 23.40
CA LYS D 171 -28.03 -11.01 24.37
C LYS D 171 -29.14 -11.86 23.76
N GLN D 172 -30.08 -11.21 23.09
CA GLN D 172 -31.19 -11.94 22.47
C GLN D 172 -30.68 -12.81 21.32
N ALA D 173 -29.68 -12.32 20.59
CA ALA D 173 -29.12 -13.08 19.48
C ALA D 173 -28.32 -14.28 19.96
N ILE D 174 -27.70 -14.16 21.13
CA ILE D 174 -26.96 -15.27 21.71
C ILE D 174 -27.97 -16.33 22.17
N GLU D 175 -29.01 -15.89 22.86
CA GLU D 175 -30.10 -16.78 23.30
C GLU D 175 -30.82 -17.43 22.09
N ARG D 176 -31.04 -16.67 21.01
CA ARG D 176 -31.66 -17.27 19.82
C ARG D 176 -30.83 -18.42 19.25
N ASN D 177 -29.50 -18.25 19.22
CA ASN D 177 -28.61 -19.31 18.74
C ASN D 177 -28.73 -20.64 19.52
N LYS D 178 -28.99 -20.58 20.82
CA LYS D 178 -29.17 -21.80 21.65
C LYS D 178 -30.54 -22.44 21.47
N ILE E 7 -3.25 -27.23 11.75
CA ILE E 7 -1.77 -27.27 12.03
C ILE E 7 -1.22 -28.69 12.19
N LYS E 8 -2.08 -29.67 12.49
CA LYS E 8 -1.64 -31.07 12.69
C LYS E 8 -0.96 -31.68 11.45
N GLU E 9 -1.41 -31.26 10.27
CA GLU E 9 -0.84 -31.74 9.01
C GLU E 9 0.30 -30.82 8.48
N ILE E 10 0.67 -29.79 9.24
CA ILE E 10 1.87 -28.98 8.93
C ILE E 10 3.10 -29.50 9.68
N ALA E 11 4.15 -29.86 8.93
CA ALA E 11 5.38 -30.42 9.51
C ALA E 11 6.27 -29.36 10.16
N VAL E 12 7.05 -29.79 11.16
CA VAL E 12 8.07 -28.93 11.77
C VAL E 12 9.05 -28.37 10.74
N GLY E 13 9.40 -29.20 9.75
CA GLY E 13 10.32 -28.81 8.68
C GLY E 13 10.70 -30.06 7.90
N LYS E 14 11.57 -29.92 6.90
CA LYS E 14 12.03 -31.07 6.12
C LYS E 14 13.07 -31.85 6.91
N ASN E 15 14.14 -31.14 7.28
CA ASN E 15 15.22 -31.68 8.10
C ASN E 15 15.45 -30.80 9.32
N PRO E 16 14.46 -30.74 10.22
CA PRO E 16 14.70 -29.87 11.38
C PRO E 16 15.91 -30.37 12.16
N PRO E 17 16.66 -29.46 12.82
CA PRO E 17 16.47 -28.03 12.95
C PRO E 17 17.18 -27.19 11.88
N GLU E 18 17.81 -27.82 10.90
CA GLU E 18 18.49 -27.09 9.84
C GLU E 18 17.53 -26.15 9.06
N ASP E 19 16.35 -26.66 8.71
CA ASP E 19 15.24 -25.85 8.21
C ASP E 19 14.04 -26.06 9.12
N VAL E 20 13.21 -25.03 9.23
CA VAL E 20 11.91 -25.19 9.88
C VAL E 20 10.84 -24.40 9.16
N ASN E 21 9.61 -24.87 9.29
CA ASN E 21 8.42 -24.14 8.83
C ASN E 21 7.99 -23.18 9.91
N VAL E 22 7.70 -21.95 9.50
CA VAL E 22 7.25 -20.92 10.37
C VAL E 22 5.89 -20.49 9.89
N ILE E 23 4.95 -20.44 10.81
CA ILE E 23 3.61 -19.95 10.51
C ILE E 23 3.69 -18.52 10.89
N VAL E 24 3.47 -17.62 9.94
CA VAL E 24 3.65 -16.22 10.15
C VAL E 24 2.41 -15.67 10.88
N GLU E 25 2.65 -14.83 11.90
CA GLU E 25 1.59 -14.18 12.62
C GLU E 25 1.56 -12.66 12.32
N VAL E 26 2.74 -12.05 12.12
CA VAL E 26 2.87 -10.61 11.92
C VAL E 26 3.83 -10.30 10.79
N SER E 27 3.37 -9.40 9.91
CA SER E 27 4.07 -8.99 8.72
C SER E 27 5.04 -7.90 9.07
N LEU E 28 6.22 -8.01 8.51
CA LEU E 28 7.22 -6.95 8.59
C LEU E 28 6.59 -5.64 8.17
N GLY E 29 6.91 -4.58 8.90
CA GLY E 29 6.48 -3.23 8.51
C GLY E 29 4.97 -3.10 8.51
N GLY E 30 4.44 -2.32 7.58
CA GLY E 30 2.97 -2.22 7.43
C GLY E 30 2.28 -1.77 8.72
N GLN E 31 1.15 -2.40 9.04
CA GLN E 31 0.30 -1.99 10.19
C GLN E 31 0.80 -2.57 11.50
N PRO E 32 0.81 -1.77 12.57
CA PRO E 32 1.31 -2.26 13.84
C PRO E 32 0.29 -3.14 14.55
N ILE E 33 -0.08 -4.27 13.92
CA ILE E 33 -1.07 -5.18 14.46
C ILE E 33 -0.47 -6.52 14.79
N LYS E 34 -0.48 -6.90 16.06
CA LYS E 34 0.10 -8.14 16.48
C LYS E 34 -0.95 -9.20 16.56
N TYR E 35 -1.05 -9.97 15.49
CA TYR E 35 -1.90 -11.14 15.42
C TYR E 35 -1.25 -12.26 16.15
N GLU E 36 -2.06 -13.11 16.76
CA GLU E 36 -1.55 -14.32 17.36
C GLU E 36 -2.47 -15.43 16.98
N MET E 37 -1.90 -16.57 16.61
CA MET E 37 -2.69 -17.71 16.24
C MET E 37 -3.19 -18.43 17.49
N ASP E 38 -4.49 -18.67 17.53
CA ASP E 38 -5.12 -19.21 18.72
C ASP E 38 -4.97 -20.74 18.69
N LYS E 39 -4.61 -21.31 19.83
CA LYS E 39 -4.32 -22.75 19.90
C LYS E 39 -5.55 -23.55 19.43
N LYS E 40 -6.66 -23.34 20.12
CA LYS E 40 -7.86 -24.20 19.97
C LYS E 40 -8.54 -24.05 18.60
N SER E 41 -8.58 -22.83 18.07
CA SER E 41 -9.35 -22.54 16.87
C SER E 41 -8.50 -22.45 15.62
N GLY E 42 -7.20 -22.23 15.76
CA GLY E 42 -6.35 -21.98 14.60
C GLY E 42 -6.61 -20.66 13.87
N ALA E 43 -7.45 -19.77 14.40
CA ALA E 43 -7.71 -18.46 13.74
C ALA E 43 -6.73 -17.44 14.27
N LEU E 44 -6.46 -16.39 13.50
CA LEU E 44 -5.61 -15.28 13.93
C LEU E 44 -6.42 -14.29 14.73
N PHE E 45 -6.08 -14.13 16.00
CA PHE E 45 -6.73 -13.14 16.85
C PHE E 45 -5.86 -11.87 16.85
N VAL E 46 -6.48 -10.71 16.91
CA VAL E 46 -5.72 -9.50 17.24
C VAL E 46 -5.37 -9.55 18.74
N ASP E 47 -4.09 -9.73 19.06
CA ASP E 47 -3.68 -9.76 20.46
C ASP E 47 -3.60 -8.31 20.90
N ARG E 48 -2.99 -7.46 20.08
CA ARG E 48 -3.02 -6.04 20.36
C ARG E 48 -2.52 -5.24 19.18
N PHE E 49 -2.79 -3.95 19.18
CA PHE E 49 -2.07 -3.02 18.34
C PHE E 49 -0.83 -2.65 19.12
N LEU E 50 0.30 -2.46 18.49
CA LEU E 50 1.49 -2.10 19.27
C LEU E 50 1.23 -0.78 20.02
N TYR E 51 1.73 -0.70 21.25
CA TYR E 51 1.56 0.50 22.06
C TYR E 51 2.60 1.59 21.74
N THR E 52 3.62 1.25 20.96
CA THR E 52 4.67 2.19 20.58
C THR E 52 4.58 2.42 19.09
N SER E 53 5.17 3.53 18.62
CA SER E 53 5.25 3.86 17.19
C SER E 53 6.41 3.12 16.53
N MET E 54 6.33 1.80 16.64
CA MET E 54 7.30 0.87 16.10
C MET E 54 6.63 -0.09 15.13
N VAL E 55 7.43 -0.72 14.27
CA VAL E 55 6.95 -1.84 13.46
C VAL E 55 7.93 -3.01 13.52
N TYR E 56 7.43 -4.23 13.32
CA TYR E 56 8.30 -5.38 13.33
C TYR E 56 9.41 -5.27 12.25
N PRO E 57 10.66 -5.49 12.65
CA PRO E 57 11.81 -5.42 11.75
C PRO E 57 11.96 -6.66 10.85
N GLY E 58 11.15 -7.68 11.08
CA GLY E 58 11.05 -8.81 10.15
C GLY E 58 9.66 -9.43 10.23
N ASN E 59 9.40 -10.45 9.44
CA ASN E 59 8.19 -11.23 9.55
C ASN E 59 8.33 -12.14 10.74
N TYR E 60 7.27 -12.29 11.52
CA TYR E 60 7.37 -12.94 12.79
C TYR E 60 6.32 -14.00 12.97
N GLY E 61 6.73 -15.14 13.54
CA GLY E 61 5.79 -16.22 13.77
C GLY E 61 6.37 -17.32 14.61
N PHE E 62 5.80 -18.52 14.48
CA PHE E 62 6.20 -19.64 15.33
C PHE E 62 6.37 -20.95 14.55
N VAL E 63 7.18 -21.87 15.09
CA VAL E 63 7.29 -23.20 14.50
C VAL E 63 6.27 -24.16 15.13
N PRO E 64 5.43 -24.78 14.30
CA PRO E 64 4.43 -25.63 14.89
C PRO E 64 5.09 -26.86 15.50
N HIS E 65 4.43 -27.44 16.50
CA HIS E 65 4.88 -28.69 17.15
C HIS E 65 6.22 -28.50 17.87
N THR E 66 6.39 -27.35 18.49
CA THR E 66 7.52 -27.09 19.35
C THR E 66 6.96 -26.48 20.62
N LEU E 67 7.73 -26.62 21.70
CA LEU E 67 7.30 -26.19 23.02
C LEU E 67 8.55 -25.74 23.77
N SER E 68 8.66 -24.44 24.04
CA SER E 68 9.77 -23.92 24.84
C SER E 68 9.54 -24.19 26.34
N GLU E 69 10.58 -23.96 27.14
CA GLU E 69 10.55 -24.30 28.58
C GLU E 69 9.32 -23.74 29.30
N ASP E 70 8.90 -22.54 28.91
CA ASP E 70 7.80 -21.85 29.56
C ASP E 70 6.46 -22.07 28.86
N GLY E 71 6.37 -23.07 27.98
CA GLY E 71 5.08 -23.54 27.43
C GLY E 71 4.57 -22.98 26.11
N ASP E 72 5.38 -22.15 25.43
CA ASP E 72 4.99 -21.58 24.13
C ASP E 72 5.81 -22.22 22.97
N PRO E 73 5.24 -22.27 21.73
CA PRO E 73 6.08 -22.69 20.59
C PRO E 73 7.23 -21.72 20.37
N ILE E 74 8.30 -22.22 19.74
CA ILE E 74 9.49 -21.43 19.39
C ILE E 74 9.08 -20.27 18.49
N ASP E 75 9.41 -19.03 18.86
CA ASP E 75 9.24 -17.83 18.04
C ASP E 75 10.41 -17.63 17.09
N VAL E 76 10.11 -17.21 15.86
CA VAL E 76 11.10 -16.93 14.84
C VAL E 76 10.83 -15.58 14.19
N LEU E 77 11.87 -14.77 14.16
CA LEU E 77 11.89 -13.55 13.37
C LEU E 77 12.62 -13.86 12.07
N ILE E 78 11.91 -13.72 10.96
CA ILE E 78 12.47 -13.95 9.65
C ILE E 78 12.95 -12.61 9.13
N CYS E 79 14.26 -12.47 8.89
CA CYS E 79 14.82 -11.17 8.54
CA CYS E 79 14.86 -11.21 8.55
C CYS E 79 15.01 -11.00 7.05
N ASN E 80 13.92 -11.20 6.32
CA ASN E 80 13.85 -10.82 4.93
C ASN E 80 13.28 -9.39 4.82
N THR E 81 13.05 -8.92 3.61
CA THR E 81 12.62 -7.53 3.43
C THR E 81 11.16 -7.36 2.97
N ARG E 82 10.51 -8.44 2.55
CA ARG E 82 9.17 -8.33 1.96
C ARG E 82 8.12 -8.83 2.96
N PRO E 83 7.00 -8.12 3.04
CA PRO E 83 5.95 -8.59 3.94
C PRO E 83 5.28 -9.88 3.48
N LEU E 84 5.00 -10.76 4.41
CA LEU E 84 4.32 -11.98 4.14
C LEU E 84 2.91 -11.95 4.77
N LEU E 85 2.00 -12.68 4.14
CA LEU E 85 0.61 -12.80 4.62
C LEU E 85 0.55 -13.48 5.98
N PRO E 86 -0.07 -12.84 6.98
CA PRO E 86 -0.27 -13.57 8.25
C PRO E 86 -1.10 -14.82 8.00
N GLY E 87 -0.72 -15.94 8.58
CA GLY E 87 -1.39 -17.20 8.32
C GLY E 87 -0.68 -18.10 7.33
N CYS E 88 0.24 -17.55 6.54
CA CYS E 88 1.04 -18.36 5.64
C CYS E 88 2.13 -19.13 6.37
N VAL E 89 2.70 -20.09 5.67
CA VAL E 89 3.77 -20.93 6.18
C VAL E 89 4.98 -20.75 5.29
N ILE E 90 6.11 -20.44 5.88
CA ILE E 90 7.33 -20.28 5.09
C ILE E 90 8.46 -21.15 5.64
N ASN E 91 9.21 -21.78 4.74
CA ASN E 91 10.34 -22.62 5.13
C ASN E 91 11.58 -21.77 5.26
N VAL E 92 12.30 -21.86 6.39
CA VAL E 92 13.43 -20.97 6.65
C VAL E 92 14.61 -21.73 7.25
N TYR E 93 15.79 -21.14 7.14
CA TYR E 93 16.94 -21.65 7.87
C TYR E 93 17.16 -20.78 9.11
N PRO E 94 17.13 -21.37 10.32
CA PRO E 94 17.58 -20.60 11.46
C PRO E 94 19.07 -20.29 11.35
N ILE E 95 19.46 -19.06 11.69
CA ILE E 95 20.86 -18.70 11.66
C ILE E 95 21.41 -18.11 12.98
N GLY E 96 20.58 -18.07 14.03
CA GLY E 96 21.01 -17.54 15.32
C GLY E 96 19.86 -17.36 16.26
N ALA E 97 20.14 -16.86 17.47
CA ALA E 97 19.08 -16.60 18.45
C ALA E 97 19.44 -15.35 19.24
N LEU E 98 18.43 -14.51 19.46
CA LEU E 98 18.53 -13.32 20.31
C LEU E 98 18.02 -13.74 21.69
N ILE E 99 18.85 -13.54 22.70
CA ILE E 99 18.54 -13.97 24.05
C ILE E 99 18.19 -12.75 24.88
N MET E 100 17.06 -12.86 25.58
CA MET E 100 16.57 -11.75 26.37
C MET E 100 15.89 -12.16 27.65
N GLU E 101 15.67 -11.15 28.47
CA GLU E 101 15.03 -11.33 29.75
C GLU E 101 13.92 -10.29 29.78
N ASP E 102 12.69 -10.74 30.01
CA ASP E 102 11.58 -9.80 30.09
C ASP E 102 10.79 -10.01 31.39
N ASP E 103 9.68 -9.31 31.52
CA ASP E 103 8.79 -9.45 32.67
C ASP E 103 8.40 -10.90 32.97
N GLY E 104 8.42 -11.77 31.95
CA GLY E 104 8.14 -13.20 32.12
C GLY E 104 9.34 -14.11 32.36
N GLY E 105 10.54 -13.54 32.39
CA GLY E 105 11.77 -14.33 32.58
C GLY E 105 12.51 -14.44 31.26
N LYS E 106 13.27 -15.53 31.06
CA LYS E 106 14.07 -15.73 29.84
C LYS E 106 13.17 -15.84 28.62
N ASP E 107 13.65 -15.29 27.51
CA ASP E 107 12.95 -15.33 26.23
C ASP E 107 13.99 -15.43 25.11
N GLU E 108 13.90 -16.48 24.30
CA GLU E 108 14.79 -16.64 23.18
C GLU E 108 13.99 -16.38 21.92
N LYS E 109 14.56 -15.63 20.99
CA LYS E 109 13.98 -15.44 19.68
C LYS E 109 14.93 -16.03 18.65
N ILE E 110 14.46 -16.98 17.85
CA ILE E 110 15.23 -17.46 16.69
C ILE E 110 15.25 -16.41 15.58
N ILE E 111 16.42 -16.20 15.00
CA ILE E 111 16.56 -15.39 13.79
C ILE E 111 16.72 -16.33 12.62
N ALA E 112 15.99 -16.06 11.53
CA ALA E 112 15.98 -16.94 10.35
C ALA E 112 15.95 -16.18 9.01
N ILE E 113 16.36 -16.87 7.95
CA ILE E 113 16.23 -16.36 6.58
C ILE E 113 15.53 -17.42 5.76
N PRO E 114 14.79 -17.01 4.73
CA PRO E 114 14.26 -17.94 3.72
C PRO E 114 15.36 -18.84 3.14
N THR E 115 14.99 -20.07 2.82
CA THR E 115 15.93 -21.02 2.22
C THR E 115 16.23 -20.59 0.79
N PRO E 116 17.35 -21.08 0.22
CA PRO E 116 17.69 -20.87 -1.18
C PRO E 116 16.64 -21.29 -2.19
N LYS E 117 15.84 -22.32 -1.88
CA LYS E 117 14.75 -22.74 -2.75
C LYS E 117 13.76 -21.59 -2.95
N LEU E 118 13.47 -20.85 -1.89
CA LEU E 118 12.51 -19.74 -1.96
C LEU E 118 13.09 -18.49 -2.62
N THR E 119 14.35 -18.21 -2.33
CA THR E 119 15.03 -17.07 -2.92
C THR E 119 16.56 -17.25 -2.86
N GLN E 120 17.24 -16.73 -3.88
CA GLN E 120 18.69 -16.79 -3.99
C GLN E 120 19.37 -15.54 -3.40
N ARG E 121 18.54 -14.64 -2.87
CA ARG E 121 19.00 -13.35 -2.33
C ARG E 121 19.89 -13.46 -1.11
N TYR E 122 19.81 -14.58 -0.38
CA TYR E 122 20.52 -14.74 0.87
C TYR E 122 21.53 -15.88 0.83
N ASN E 123 22.03 -16.20 -0.37
CA ASN E 123 22.98 -17.32 -0.50
C ASN E 123 24.26 -17.19 0.31
N ASN E 124 24.66 -15.98 0.62
CA ASN E 124 25.87 -15.77 1.41
C ASN E 124 25.62 -15.52 2.88
N ILE E 125 24.39 -15.74 3.35
CA ILE E 125 24.06 -15.61 4.75
C ILE E 125 23.97 -17.03 5.33
N HIS E 126 24.87 -17.38 6.24
CA HIS E 126 24.87 -18.70 6.87
C HIS E 126 24.77 -18.64 8.39
N ASP E 127 24.99 -17.46 8.98
CA ASP E 127 25.00 -17.26 10.43
CA ASP E 127 24.96 -17.26 10.43
C ASP E 127 24.49 -15.84 10.71
N TYR E 128 23.90 -15.63 11.87
CA TYR E 128 23.33 -14.32 12.17
C TYR E 128 24.37 -13.21 12.00
N THR E 129 25.65 -13.54 12.19
CA THR E 129 26.72 -12.55 12.06
C THR E 129 27.00 -12.10 10.63
N ASP E 130 26.38 -12.76 9.64
CA ASP E 130 26.53 -12.34 8.25
C ASP E 130 25.57 -11.21 7.86
N LEU E 131 24.58 -10.96 8.70
CA LEU E 131 23.65 -9.88 8.43
C LEU E 131 24.35 -8.55 8.70
N PRO E 132 23.84 -7.48 8.11
CA PRO E 132 24.49 -6.21 8.42
C PRO E 132 24.34 -5.89 9.91
N GLU E 133 25.36 -5.30 10.50
CA GLU E 133 25.37 -4.98 11.92
C GLU E 133 24.14 -4.16 12.31
N ILE E 134 23.79 -3.14 11.52
CA ILE E 134 22.62 -2.33 11.86
C ILE E 134 21.30 -3.17 11.93
N THR E 135 21.22 -4.26 11.16
CA THR E 135 20.02 -5.08 11.22
C THR E 135 19.88 -5.71 12.56
N LEU E 136 20.99 -6.25 13.07
CA LEU E 136 20.95 -6.94 14.33
C LEU E 136 20.60 -5.97 15.45
N LYS E 137 21.19 -4.76 15.41
CA LYS E 137 20.89 -3.72 16.40
C LYS E 137 19.45 -3.28 16.40
N GLN E 138 18.88 -3.10 15.22
CA GLN E 138 17.47 -2.76 15.11
C GLN E 138 16.59 -3.82 15.69
N ILE E 139 16.93 -5.10 15.46
CA ILE E 139 16.14 -6.18 16.02
C ILE E 139 16.21 -6.18 17.54
N GLU E 140 17.42 -6.15 18.10
CA GLU E 140 17.64 -5.94 19.55
C GLU E 140 16.80 -4.80 20.10
N HIS E 141 16.90 -3.64 19.46
CA HIS E 141 16.28 -2.40 19.91
C HIS E 141 14.75 -2.49 19.84
N PHE E 142 14.26 -3.19 18.82
CA PHE E 142 12.84 -3.39 18.65
C PHE E 142 12.32 -4.16 19.86
N PHE E 143 12.91 -5.31 20.13
CA PHE E 143 12.37 -6.19 21.20
C PHE E 143 12.60 -5.59 22.55
N GLU E 144 13.69 -4.83 22.69
CA GLU E 144 13.90 -3.99 23.86
C GLU E 144 12.79 -2.98 24.17
N HIS E 145 12.26 -2.32 23.15
CA HIS E 145 11.46 -1.12 23.36
C HIS E 145 10.01 -1.18 22.95
N TYR E 146 9.62 -2.18 22.17
CA TYR E 146 8.28 -2.13 21.56
C TYR E 146 7.12 -2.17 22.59
N LYS E 147 7.38 -2.78 23.74
CA LYS E 147 6.40 -2.88 24.82
C LYS E 147 6.61 -1.80 25.89
N ASP E 148 7.43 -0.79 25.61
CA ASP E 148 7.72 0.24 26.61
C ASP E 148 6.48 0.91 27.20
N LEU E 149 5.43 1.10 26.41
CA LEU E 149 4.24 1.84 26.89
C LEU E 149 3.10 0.90 27.35
N GLU E 150 3.36 -0.39 27.35
CA GLU E 150 2.49 -1.39 27.95
C GLU E 150 2.80 -1.48 29.47
N PRO E 151 1.80 -1.19 30.30
CA PRO E 151 1.93 -1.28 31.76
C PRO E 151 2.56 -2.59 32.25
N GLY E 152 3.65 -2.49 32.99
CA GLY E 152 4.27 -3.65 33.62
C GLY E 152 5.21 -4.46 32.75
N LYS E 153 5.23 -4.19 31.44
CA LYS E 153 6.06 -4.94 30.51
C LYS E 153 7.42 -4.25 30.35
N TRP E 154 8.48 -5.07 30.34
CA TRP E 154 9.85 -4.60 30.12
C TRP E 154 10.70 -5.71 29.51
N ALA E 155 11.81 -5.34 28.91
CA ALA E 155 12.71 -6.32 28.34
C ALA E 155 14.14 -5.77 28.33
N LYS E 156 15.11 -6.66 28.54
CA LYS E 156 16.53 -6.32 28.41
C LYS E 156 17.18 -7.35 27.50
N ILE E 157 18.19 -6.91 26.75
CA ILE E 157 18.94 -7.79 25.86
C ILE E 157 20.04 -8.48 26.62
N GLU E 158 20.08 -9.82 26.56
CA GLU E 158 21.19 -10.57 27.18
C GLU E 158 22.31 -10.74 26.15
N GLY E 159 21.95 -11.11 24.92
CA GLY E 159 22.92 -11.23 23.86
C GLY E 159 22.51 -12.19 22.76
N TRP E 160 23.39 -12.35 21.78
CA TRP E 160 23.16 -13.19 20.63
C TRP E 160 23.89 -14.53 20.78
N ARG E 161 23.30 -15.58 20.22
CA ARG E 161 23.90 -16.88 20.15
C ARG E 161 23.82 -17.39 18.70
N ASP E 162 24.71 -18.30 18.39
CA ASP E 162 24.95 -18.69 17.01
C ASP E 162 23.98 -19.77 16.51
N LYS E 163 24.15 -20.14 15.24
CA LYS E 163 23.26 -21.08 14.58
C LYS E 163 23.15 -22.46 15.29
N SER E 164 24.30 -23.03 15.68
CA SER E 164 24.32 -24.27 16.46
C SER E 164 23.48 -24.17 17.71
N PHE E 165 23.59 -23.05 18.40
CA PHE E 165 22.76 -22.78 19.59
C PHE E 165 21.28 -22.77 19.22
N ALA E 166 20.93 -22.10 18.14
CA ALA E 166 19.54 -22.10 17.70
C ALA E 166 19.11 -23.52 17.35
N HIS E 167 19.98 -24.26 16.69
CA HIS E 167 19.68 -25.63 16.33
C HIS E 167 19.35 -26.44 17.59
N GLU E 168 20.18 -26.30 18.61
CA GLU E 168 20.03 -27.04 19.86
C GLU E 168 18.72 -26.63 20.56
N LEU E 169 18.43 -25.33 20.53
CA LEU E 169 17.22 -24.80 21.16
C LEU E 169 15.94 -25.35 20.50
N ILE E 170 15.94 -25.43 19.17
CA ILE E 170 14.82 -26.01 18.41
C ILE E 170 14.69 -27.51 18.66
N LYS E 171 15.80 -28.22 18.57
CA LYS E 171 15.82 -29.64 18.84
C LYS E 171 15.21 -30.01 20.19
N GLN E 172 15.57 -29.25 21.22
CA GLN E 172 15.01 -29.38 22.57
C GLN E 172 13.48 -29.24 22.61
N ALA E 173 12.99 -28.23 21.89
CA ALA E 173 11.56 -27.91 21.89
C ALA E 173 10.74 -28.93 21.08
N ILE E 174 11.36 -29.57 20.10
CA ILE E 174 10.69 -30.63 19.34
C ILE E 174 10.48 -31.85 20.25
N GLU E 175 11.54 -32.27 20.94
CA GLU E 175 11.49 -33.40 21.87
C GLU E 175 10.55 -33.11 23.03
N ARG E 176 10.53 -31.86 23.48
CA ARG E 176 9.67 -31.51 24.59
C ARG E 176 8.20 -31.60 24.20
N ASN E 177 7.89 -31.20 22.97
CA ASN E 177 6.52 -31.27 22.43
C ASN E 177 5.99 -32.69 22.42
N LYS E 178 6.88 -33.66 22.26
CA LYS E 178 6.52 -35.07 22.32
C LYS E 178 6.58 -35.53 23.76
N ILE F 7 4.49 25.72 -14.15
CA ILE F 7 3.33 25.40 -15.04
C ILE F 7 3.40 26.16 -16.36
N LYS F 8 4.13 27.28 -16.38
CA LYS F 8 4.27 28.09 -17.61
C LYS F 8 4.85 27.28 -18.76
N GLU F 9 5.65 26.28 -18.42
CA GLU F 9 6.37 25.49 -19.39
C GLU F 9 5.67 24.17 -19.75
N ILE F 10 4.49 23.92 -19.22
CA ILE F 10 3.70 22.74 -19.57
C ILE F 10 2.66 23.17 -20.60
N ALA F 11 2.76 22.60 -21.80
CA ALA F 11 1.82 22.82 -22.89
C ALA F 11 0.45 22.27 -22.55
N VAL F 12 -0.58 22.90 -23.12
CA VAL F 12 -1.95 22.40 -23.05
C VAL F 12 -2.03 20.97 -23.54
N GLY F 13 -1.20 20.66 -24.53
CA GLY F 13 -1.20 19.36 -25.16
C GLY F 13 -0.34 19.40 -26.40
N LYS F 14 -0.31 18.29 -27.13
CA LYS F 14 0.48 18.18 -28.35
C LYS F 14 -0.36 18.64 -29.55
N ASN F 15 -1.61 18.19 -29.60
CA ASN F 15 -2.52 18.49 -30.69
C ASN F 15 -3.92 18.69 -30.08
N PRO F 16 -4.08 19.70 -29.24
CA PRO F 16 -5.36 19.81 -28.54
C PRO F 16 -6.43 20.33 -29.47
N PRO F 17 -7.70 20.07 -29.13
CA PRO F 17 -8.22 19.32 -27.97
C PRO F 17 -8.19 17.77 -28.06
N GLU F 18 -7.64 17.20 -29.13
CA GLU F 18 -7.61 15.73 -29.32
C GLU F 18 -6.88 14.99 -28.20
N ASP F 19 -5.79 15.60 -27.75
CA ASP F 19 -5.10 15.17 -26.56
C ASP F 19 -4.84 16.42 -25.73
N VAL F 20 -4.93 16.26 -24.41
CA VAL F 20 -4.53 17.31 -23.49
C VAL F 20 -3.62 16.76 -22.38
N ASN F 21 -2.79 17.64 -21.84
CA ASN F 21 -1.98 17.36 -20.69
C ASN F 21 -2.80 17.64 -19.42
N VAL F 22 -2.79 16.71 -18.48
CA VAL F 22 -3.52 16.86 -17.25
C VAL F 22 -2.52 16.86 -16.11
N ILE F 23 -2.59 17.88 -15.26
CA ILE F 23 -1.79 17.90 -14.04
C ILE F 23 -2.67 17.22 -13.01
N VAL F 24 -2.21 16.08 -12.51
CA VAL F 24 -2.97 15.31 -11.56
C VAL F 24 -2.96 15.93 -10.15
N GLU F 25 -4.16 16.06 -9.59
CA GLU F 25 -4.31 16.54 -8.20
C GLU F 25 -4.69 15.45 -7.23
N VAL F 26 -5.51 14.50 -7.65
CA VAL F 26 -5.98 13.43 -6.77
C VAL F 26 -5.86 12.08 -7.45
N SER F 27 -5.28 11.11 -6.75
CA SER F 27 -5.14 9.77 -7.24
C SER F 27 -6.43 9.02 -7.11
N LEU F 28 -6.70 8.16 -8.08
CA LEU F 28 -7.77 7.17 -7.99
C LEU F 28 -7.66 6.37 -6.70
N GLY F 29 -8.80 6.11 -6.08
CA GLY F 29 -8.85 5.25 -4.89
C GLY F 29 -7.99 5.74 -3.73
N GLY F 30 -7.34 4.82 -3.03
CA GLY F 30 -6.38 5.22 -1.98
C GLY F 30 -7.02 6.12 -0.92
N GLN F 31 -6.26 7.11 -0.47
CA GLN F 31 -6.69 7.99 0.62
C GLN F 31 -7.66 9.05 0.10
N PRO F 32 -8.70 9.39 0.90
CA PRO F 32 -9.68 10.41 0.50
C PRO F 32 -9.18 11.82 0.76
N ILE F 33 -8.08 12.15 0.10
CA ILE F 33 -7.43 13.41 0.29
C ILE F 33 -7.54 14.19 -0.99
N LYS F 34 -8.29 15.27 -0.94
CA LYS F 34 -8.48 16.12 -2.08
C LYS F 34 -7.39 17.19 -2.11
N TYR F 35 -6.32 16.91 -2.85
CA TYR F 35 -5.30 17.90 -3.06
C TYR F 35 -5.78 18.90 -4.12
N GLU F 36 -5.26 20.11 -4.05
CA GLU F 36 -5.49 21.04 -5.10
C GLU F 36 -4.27 21.89 -5.33
N MET F 37 -3.94 22.12 -6.59
CA MET F 37 -2.76 22.92 -6.91
C MET F 37 -3.07 24.41 -6.77
N ASP F 38 -2.22 25.14 -6.09
CA ASP F 38 -2.39 26.59 -5.97
C ASP F 38 -1.73 27.23 -7.18
N LYS F 39 -2.47 28.15 -7.80
CA LYS F 39 -1.98 28.85 -8.98
C LYS F 39 -0.72 29.63 -8.63
N LYS F 40 -0.78 30.37 -7.52
CA LYS F 40 0.24 31.40 -7.22
C LYS F 40 1.55 30.76 -6.78
N SER F 41 1.46 29.65 -6.03
CA SER F 41 2.63 28.96 -5.49
C SER F 41 3.05 27.79 -6.35
N GLY F 42 2.09 27.05 -6.90
CA GLY F 42 2.42 25.84 -7.66
C GLY F 42 2.45 24.60 -6.78
N ALA F 43 2.27 24.79 -5.48
CA ALA F 43 2.30 23.69 -4.53
C ALA F 43 0.94 22.99 -4.45
N LEU F 44 0.95 21.70 -4.11
CA LEU F 44 -0.25 20.98 -3.81
C LEU F 44 -0.64 21.23 -2.36
N PHE F 45 -1.79 21.88 -2.15
CA PHE F 45 -2.42 22.04 -0.84
C PHE F 45 -3.48 20.94 -0.61
N VAL F 46 -3.73 20.60 0.64
CA VAL F 46 -4.83 19.75 0.98
C VAL F 46 -6.05 20.67 1.02
N ASP F 47 -6.97 20.49 0.10
CA ASP F 47 -8.16 21.32 0.14
C ASP F 47 -9.10 20.80 1.23
N ARG F 48 -9.26 19.49 1.31
CA ARG F 48 -10.01 18.84 2.37
C ARG F 48 -9.83 17.35 2.28
N PHE F 49 -10.17 16.67 3.36
CA PHE F 49 -10.40 15.25 3.34
C PHE F 49 -11.85 15.09 2.91
N LEU F 50 -12.16 14.04 2.16
CA LEU F 50 -13.55 13.86 1.77
C LEU F 50 -14.41 13.71 3.04
N TYR F 51 -15.61 14.26 2.98
CA TYR F 51 -16.51 14.26 4.07
C TYR F 51 -17.42 13.03 4.03
N THR F 52 -17.42 12.30 2.93
CA THR F 52 -18.13 11.02 2.80
C THR F 52 -17.12 9.89 2.68
N SER F 53 -17.57 8.65 2.95
CA SER F 53 -16.70 7.47 2.83
C SER F 53 -16.69 7.00 1.35
N MET F 54 -16.18 7.87 0.49
CA MET F 54 -16.04 7.65 -0.94
C MET F 54 -14.61 7.88 -1.36
N VAL F 55 -14.27 7.41 -2.55
CA VAL F 55 -12.97 7.67 -3.13
C VAL F 55 -13.15 8.00 -4.62
N TYR F 56 -12.26 8.83 -5.19
CA TYR F 56 -12.32 9.20 -6.60
C TYR F 56 -12.30 7.98 -7.51
N PRO F 57 -13.25 7.89 -8.46
CA PRO F 57 -13.37 6.74 -9.34
C PRO F 57 -12.39 6.78 -10.54
N GLY F 58 -11.48 7.76 -10.52
CA GLY F 58 -10.48 7.99 -11.57
C GLY F 58 -9.45 8.97 -11.06
N ASN F 59 -8.34 9.15 -11.76
CA ASN F 59 -7.36 10.16 -11.34
C ASN F 59 -7.90 11.46 -11.83
N TYR F 60 -7.82 12.49 -11.02
CA TYR F 60 -8.51 13.71 -11.30
C TYR F 60 -7.53 14.87 -11.34
N GLY F 61 -7.66 15.74 -12.33
CA GLY F 61 -6.80 16.94 -12.41
C GLY F 61 -7.33 18.04 -13.26
N PHE F 62 -6.43 18.85 -13.78
CA PHE F 62 -6.84 19.98 -14.60
C PHE F 62 -5.93 20.14 -15.78
N VAL F 63 -6.38 20.87 -16.79
CA VAL F 63 -5.57 21.13 -17.96
C VAL F 63 -4.96 22.53 -17.82
N PRO F 64 -3.63 22.64 -17.84
CA PRO F 64 -3.08 23.98 -17.68
C PRO F 64 -3.43 24.88 -18.85
N HIS F 65 -3.46 26.17 -18.58
CA HIS F 65 -3.73 27.21 -19.60
C HIS F 65 -5.12 27.12 -20.24
N THR F 66 -6.10 26.72 -19.44
CA THR F 66 -7.48 26.67 -19.88
C THR F 66 -8.27 27.47 -18.87
N LEU F 67 -9.44 27.95 -19.29
CA LEU F 67 -10.24 28.78 -18.44
C LEU F 67 -11.72 28.62 -18.77
N SER F 68 -12.49 28.13 -17.78
CA SER F 68 -13.96 28.04 -17.88
C SER F 68 -14.60 29.41 -17.70
N GLU F 69 -15.92 29.50 -17.92
CA GLU F 69 -16.62 30.79 -17.80
C GLU F 69 -16.68 31.20 -16.33
N ASP F 70 -16.48 30.25 -15.42
CA ASP F 70 -16.35 30.54 -13.99
C ASP F 70 -14.93 30.98 -13.57
N GLY F 71 -13.97 31.02 -14.50
CA GLY F 71 -12.59 31.38 -14.18
C GLY F 71 -11.74 30.29 -13.54
N ASP F 72 -12.16 29.03 -13.66
CA ASP F 72 -11.30 27.90 -13.25
C ASP F 72 -10.76 27.10 -14.47
N PRO F 73 -9.71 26.29 -14.29
CA PRO F 73 -9.26 25.48 -15.41
C PRO F 73 -10.23 24.35 -15.72
N ILE F 74 -10.11 23.78 -16.91
CA ILE F 74 -10.89 22.61 -17.31
C ILE F 74 -10.46 21.47 -16.42
N ASP F 75 -11.41 20.78 -15.80
CA ASP F 75 -11.17 19.62 -14.94
CA ASP F 75 -11.04 19.63 -14.99
C ASP F 75 -11.36 18.34 -15.71
N VAL F 76 -10.58 17.32 -15.37
CA VAL F 76 -10.60 16.06 -16.07
C VAL F 76 -10.55 14.90 -15.10
N LEU F 77 -11.46 13.95 -15.28
CA LEU F 77 -11.41 12.66 -14.65
C LEU F 77 -10.85 11.60 -15.66
N ILE F 78 -9.68 11.04 -15.33
CA ILE F 78 -9.01 10.06 -16.16
C ILE F 78 -9.50 8.71 -15.68
N CYS F 79 -10.16 7.96 -16.55
CA CYS F 79 -10.79 6.73 -16.11
CA CYS F 79 -10.80 6.72 -16.17
C CYS F 79 -9.93 5.51 -16.44
N ASN F 80 -8.70 5.56 -15.96
CA ASN F 80 -7.82 4.43 -15.99
C ASN F 80 -7.91 3.74 -14.61
N THR F 81 -7.16 2.68 -14.39
CA THR F 81 -7.32 1.89 -13.17
C THR F 81 -6.15 2.05 -12.18
N ARG F 82 -5.00 2.53 -12.63
CA ARG F 82 -3.84 2.66 -11.75
C ARG F 82 -3.71 4.08 -11.17
N PRO F 83 -3.38 4.17 -9.90
CA PRO F 83 -3.24 5.46 -9.25
C PRO F 83 -2.01 6.21 -9.75
N LEU F 84 -2.19 7.51 -9.99
CA LEU F 84 -1.12 8.39 -10.45
C LEU F 84 -0.71 9.32 -9.32
N LEU F 85 0.57 9.66 -9.30
CA LEU F 85 1.14 10.59 -8.35
C LEU F 85 0.59 12.01 -8.51
N PRO F 86 0.03 12.60 -7.45
CA PRO F 86 -0.39 13.99 -7.53
C PRO F 86 0.79 14.88 -7.92
N GLY F 87 0.56 15.84 -8.80
CA GLY F 87 1.63 16.71 -9.27
C GLY F 87 2.29 16.19 -10.55
N CYS F 88 2.08 14.92 -10.93
CA CYS F 88 2.55 14.45 -12.24
C CYS F 88 1.67 14.97 -13.38
N VAL F 89 2.22 14.92 -14.58
CA VAL F 89 1.52 15.35 -15.78
C VAL F 89 1.34 14.17 -16.73
N ILE F 90 0.10 13.96 -17.19
CA ILE F 90 -0.23 12.85 -18.08
C ILE F 90 -1.07 13.31 -19.27
N ASN F 91 -0.71 12.80 -20.43
CA ASN F 91 -1.34 13.14 -21.70
C ASN F 91 -2.46 12.16 -21.98
N VAL F 92 -3.66 12.68 -22.22
CA VAL F 92 -4.85 11.90 -22.28
C VAL F 92 -5.69 12.31 -23.49
N TYR F 93 -6.58 11.41 -23.90
CA TYR F 93 -7.59 11.72 -24.88
C TYR F 93 -8.93 12.02 -24.22
N PRO F 94 -9.43 13.26 -24.32
CA PRO F 94 -10.84 13.46 -23.96
C PRO F 94 -11.76 12.59 -24.80
N ILE F 95 -12.71 11.91 -24.17
CA ILE F 95 -13.69 11.06 -24.85
C ILE F 95 -15.15 11.44 -24.50
N GLY F 96 -15.34 12.46 -23.68
CA GLY F 96 -16.68 12.95 -23.39
C GLY F 96 -16.66 13.92 -22.20
N ALA F 97 -17.84 14.29 -21.73
CA ALA F 97 -17.99 15.20 -20.59
C ALA F 97 -19.18 14.83 -19.76
N LEU F 98 -19.07 15.06 -18.45
CA LEU F 98 -20.19 14.91 -17.53
C LEU F 98 -20.63 16.32 -17.18
N ILE F 99 -21.91 16.59 -17.35
CA ILE F 99 -22.45 17.94 -17.15
C ILE F 99 -23.28 17.94 -15.89
N MET F 100 -23.04 18.95 -15.05
CA MET F 100 -23.68 19.05 -13.75
C MET F 100 -23.91 20.46 -13.32
N GLU F 101 -24.81 20.61 -12.35
CA GLU F 101 -24.99 21.88 -11.64
C GLU F 101 -24.57 21.67 -10.21
N ASP F 102 -23.91 22.66 -9.63
CA ASP F 102 -23.47 22.60 -8.22
C ASP F 102 -23.72 23.94 -7.54
N ASP F 103 -23.37 24.00 -6.26
CA ASP F 103 -23.40 25.24 -5.47
C ASP F 103 -22.56 26.37 -6.10
N GLY F 104 -21.59 25.99 -6.93
CA GLY F 104 -20.80 26.94 -7.70
C GLY F 104 -21.47 27.40 -8.99
N GLY F 105 -22.42 26.62 -9.51
CA GLY F 105 -23.06 26.93 -10.80
C GLY F 105 -22.83 25.83 -11.84
N LYS F 106 -22.64 26.21 -13.11
CA LYS F 106 -22.37 25.26 -14.21
C LYS F 106 -21.11 24.47 -13.90
N ASP F 107 -21.15 23.15 -14.09
CA ASP F 107 -19.95 22.36 -13.88
C ASP F 107 -19.75 21.18 -14.85
N GLU F 108 -18.79 21.30 -15.74
CA GLU F 108 -18.51 20.24 -16.69
C GLU F 108 -17.20 19.62 -16.33
N LYS F 109 -17.19 18.30 -16.23
CA LYS F 109 -15.99 17.50 -16.01
C LYS F 109 -15.73 16.72 -17.28
N ILE F 110 -14.57 16.89 -17.90
CA ILE F 110 -14.12 16.05 -19.01
C ILE F 110 -13.76 14.66 -18.49
N ILE F 111 -14.15 13.63 -19.22
CA ILE F 111 -13.75 12.27 -18.99
C ILE F 111 -12.69 11.96 -20.06
N ALA F 112 -11.60 11.33 -19.64
CA ALA F 112 -10.46 11.13 -20.51
C ALA F 112 -9.82 9.78 -20.23
N ILE F 113 -9.09 9.25 -21.23
CA ILE F 113 -8.30 8.04 -21.05
C ILE F 113 -6.87 8.34 -21.44
N PRO F 114 -5.91 7.58 -20.92
CA PRO F 114 -4.53 7.75 -21.42
C PRO F 114 -4.39 7.43 -22.90
N THR F 115 -3.47 8.09 -23.58
CA THR F 115 -3.23 7.85 -25.02
C THR F 115 -2.61 6.50 -25.31
N PRO F 116 -2.71 6.04 -26.58
CA PRO F 116 -2.07 4.82 -27.02
C PRO F 116 -0.58 4.76 -26.79
N LYS F 117 0.10 5.88 -26.88
CA LYS F 117 1.53 5.87 -26.62
C LYS F 117 1.83 5.43 -25.19
N LEU F 118 1.00 5.87 -24.24
CA LEU F 118 1.22 5.58 -22.82
C LEU F 118 0.79 4.16 -22.49
N THR F 119 -0.27 3.69 -23.15
CA THR F 119 -0.79 2.35 -22.89
C THR F 119 -1.71 1.86 -23.99
N GLN F 120 -1.51 0.62 -24.40
CA GLN F 120 -2.34 0.00 -25.41
C GLN F 120 -3.67 -0.57 -24.87
N ARG F 121 -3.90 -0.38 -23.58
CA ARG F 121 -5.02 -1.04 -22.90
C ARG F 121 -6.37 -0.49 -23.34
N TYR F 122 -6.40 0.77 -23.79
CA TYR F 122 -7.65 1.43 -24.19
C TYR F 122 -7.78 1.72 -25.70
N ASN F 123 -7.14 0.90 -26.53
CA ASN F 123 -7.15 1.11 -28.00
C ASN F 123 -8.54 1.14 -28.66
N ASN F 124 -9.47 0.42 -28.07
CA ASN F 124 -10.80 0.36 -28.63
C ASN F 124 -11.76 1.31 -27.91
N ILE F 125 -11.23 2.20 -27.06
CA ILE F 125 -12.03 3.20 -26.40
C ILE F 125 -11.90 4.54 -27.13
N HIS F 126 -12.93 4.95 -27.86
CA HIS F 126 -12.84 6.21 -28.60
C HIS F 126 -13.82 7.26 -28.10
N ASP F 127 -14.85 6.83 -27.37
CA ASP F 127 -15.95 7.68 -26.93
C ASP F 127 -16.35 7.24 -25.48
N TYR F 128 -16.89 8.15 -24.66
CA TYR F 128 -17.30 7.77 -23.29
C TYR F 128 -18.26 6.57 -23.29
N THR F 129 -19.00 6.39 -24.38
CA THR F 129 -19.96 5.30 -24.51
C THR F 129 -19.30 3.92 -24.66
N ASP F 130 -17.99 3.88 -24.91
CA ASP F 130 -17.27 2.60 -25.02
C ASP F 130 -16.84 2.04 -23.66
N LEU F 131 -16.84 2.88 -22.65
CA LEU F 131 -16.56 2.45 -21.27
C LEU F 131 -17.70 1.58 -20.76
N PRO F 132 -17.41 0.73 -19.78
CA PRO F 132 -18.52 -0.05 -19.25
C PRO F 132 -19.60 0.90 -18.67
N GLU F 133 -20.85 0.57 -18.93
CA GLU F 133 -21.97 1.30 -18.33
C GLU F 133 -21.82 1.55 -16.81
N ILE F 134 -21.41 0.54 -16.05
CA ILE F 134 -21.30 0.74 -14.62
C ILE F 134 -20.21 1.80 -14.27
N THR F 135 -19.15 1.85 -15.06
CA THR F 135 -18.14 2.88 -14.87
C THR F 135 -18.75 4.28 -14.96
N LEU F 136 -19.56 4.53 -15.97
CA LEU F 136 -20.19 5.83 -16.09
C LEU F 136 -21.18 6.14 -14.94
N LYS F 137 -21.93 5.13 -14.53
CA LYS F 137 -22.87 5.27 -13.44
C LYS F 137 -22.15 5.60 -12.12
N GLN F 138 -21.02 4.93 -11.89
CA GLN F 138 -20.15 5.16 -10.73
C GLN F 138 -19.59 6.55 -10.74
N ILE F 139 -19.10 7.00 -11.88
CA ILE F 139 -18.62 8.37 -12.00
C ILE F 139 -19.71 9.40 -11.67
N GLU F 140 -20.89 9.25 -12.26
CA GLU F 140 -22.03 10.17 -11.97
C GLU F 140 -22.39 10.15 -10.50
N HIS F 141 -22.55 8.94 -9.96
CA HIS F 141 -22.88 8.74 -8.54
C HIS F 141 -21.86 9.36 -7.60
N PHE F 142 -20.59 9.23 -7.94
CA PHE F 142 -19.55 9.84 -7.14
C PHE F 142 -19.70 11.33 -7.08
N PHE F 143 -19.78 11.97 -8.24
CA PHE F 143 -19.85 13.44 -8.25
C PHE F 143 -21.19 13.92 -7.69
N GLU F 144 -22.21 13.09 -7.80
CA GLU F 144 -23.50 13.40 -7.24
C GLU F 144 -23.48 13.45 -5.68
N HIS F 145 -22.68 12.59 -5.06
CA HIS F 145 -22.76 12.33 -3.62
C HIS F 145 -21.56 12.63 -2.77
N TYR F 146 -20.37 12.80 -3.35
CA TYR F 146 -19.15 12.87 -2.55
C TYR F 146 -19.13 14.08 -1.63
N LYS F 147 -19.92 15.12 -1.96
CA LYS F 147 -20.05 16.29 -1.09
C LYS F 147 -21.33 16.28 -0.25
N ASP F 148 -22.01 15.14 -0.11
CA ASP F 148 -23.31 15.15 0.60
C ASP F 148 -23.22 15.65 2.04
N LEU F 149 -22.09 15.46 2.72
CA LEU F 149 -21.97 15.90 4.13
C LEU F 149 -21.16 17.18 4.30
N GLU F 150 -20.82 17.84 3.19
CA GLU F 150 -20.25 19.18 3.20
C GLU F 150 -21.33 20.26 3.30
N PRO F 151 -21.27 21.10 4.31
CA PRO F 151 -22.35 22.10 4.47
C PRO F 151 -22.50 23.04 3.28
N GLY F 152 -23.74 23.25 2.85
CA GLY F 152 -24.02 24.21 1.79
C GLY F 152 -23.73 23.70 0.39
N LYS F 153 -23.15 22.49 0.29
CA LYS F 153 -22.71 21.96 -0.98
C LYS F 153 -23.76 21.06 -1.50
N TRP F 154 -23.93 21.07 -2.82
CA TRP F 154 -24.86 20.19 -3.47
C TRP F 154 -24.49 20.06 -4.93
N ALA F 155 -25.09 19.06 -5.57
CA ALA F 155 -24.78 18.71 -6.94
C ALA F 155 -25.94 17.95 -7.58
N LYS F 156 -26.19 18.21 -8.87
CA LYS F 156 -27.19 17.50 -9.63
C LYS F 156 -26.56 17.15 -10.97
N ILE F 157 -26.73 15.91 -11.41
CA ILE F 157 -26.23 15.47 -12.69
C ILE F 157 -27.22 15.93 -13.75
N GLU F 158 -26.73 16.66 -14.76
CA GLU F 158 -27.58 17.05 -15.89
C GLU F 158 -27.56 15.94 -16.89
N GLY F 159 -26.38 15.39 -17.18
CA GLY F 159 -26.27 14.39 -18.24
C GLY F 159 -24.88 14.34 -18.84
N TRP F 160 -24.70 13.42 -19.78
CA TRP F 160 -23.42 13.20 -20.41
C TRP F 160 -23.45 13.80 -21.79
N ARG F 161 -22.30 14.26 -22.29
CA ARG F 161 -22.16 14.75 -23.67
C ARG F 161 -20.94 14.09 -24.32
N ASP F 162 -20.94 14.11 -25.66
CA ASP F 162 -19.99 13.31 -26.42
C ASP F 162 -18.62 13.94 -26.57
N LYS F 163 -17.72 13.20 -27.20
CA LYS F 163 -16.35 13.65 -27.37
C LYS F 163 -16.27 15.00 -28.10
N SER F 164 -17.14 15.23 -29.09
CA SER F 164 -17.12 16.47 -29.86
C SER F 164 -17.43 17.66 -28.98
N PHE F 165 -18.41 17.50 -28.11
CA PHE F 165 -18.75 18.51 -27.08
C PHE F 165 -17.53 18.75 -26.18
N ALA F 166 -16.92 17.66 -25.74
CA ALA F 166 -15.68 17.78 -24.96
C ALA F 166 -14.61 18.62 -25.72
N HIS F 167 -14.42 18.31 -27.00
CA HIS F 167 -13.42 19.03 -27.80
C HIS F 167 -13.75 20.51 -27.88
N GLU F 168 -15.02 20.79 -28.12
CA GLU F 168 -15.50 22.16 -28.22
C GLU F 168 -15.35 22.89 -26.89
N LEU F 169 -15.69 22.23 -25.79
CA LEU F 169 -15.48 22.83 -24.48
C LEU F 169 -13.99 23.19 -24.23
N ILE F 170 -13.08 22.28 -24.53
CA ILE F 170 -11.67 22.54 -24.29
C ILE F 170 -11.17 23.67 -25.19
N LYS F 171 -11.53 23.61 -26.47
CA LYS F 171 -11.12 24.62 -27.42
C LYS F 171 -11.51 26.02 -26.94
N GLN F 172 -12.75 26.16 -26.45
CA GLN F 172 -13.21 27.48 -25.96
C GLN F 172 -12.46 27.92 -24.68
N ALA F 173 -12.07 26.97 -23.83
CA ALA F 173 -11.34 27.30 -22.59
C ALA F 173 -9.89 27.70 -22.91
N ILE F 174 -9.33 27.12 -23.97
CA ILE F 174 -7.98 27.47 -24.47
C ILE F 174 -7.96 28.91 -24.95
N GLU F 175 -8.86 29.27 -25.87
CA GLU F 175 -8.88 30.66 -26.34
C GLU F 175 -9.30 31.59 -25.19
N ARG F 176 -10.18 31.14 -24.30
CA ARG F 176 -10.55 31.97 -23.16
C ARG F 176 -9.35 32.38 -22.27
N ASN F 177 -8.38 31.48 -22.10
CA ASN F 177 -7.16 31.80 -21.36
C ASN F 177 -6.29 32.83 -22.08
N LYS F 178 -6.26 32.80 -23.41
CA LYS F 178 -5.45 33.74 -24.20
C LYS F 178 -5.95 35.18 -24.02
C1 LMR G . 16.83 -0.05 1.88
O1A LMR G . 17.53 -0.83 1.15
O1B LMR G . 16.05 0.80 1.35
C2 LMR G . 16.94 -0.17 3.38
O2 LMR G . 17.83 -1.17 3.82
C3 LMR G . 17.38 1.15 3.95
C4 LMR G . 17.19 1.15 5.44
O4A LMR G . 18.16 1.36 6.21
O4B LMR G . 16.04 0.92 5.91
C1 LMR H . -11.70 -5.39 -11.22
O1A LMR H . -11.27 -5.58 -12.41
O1B LMR H . -11.22 -6.05 -10.26
C2 LMR H . -12.74 -4.35 -10.93
O2 LMR H . -13.12 -3.58 -12.05
C3 LMR H . -14.03 -4.97 -10.37
C4 LMR H . -14.91 -3.85 -9.81
O4A LMR H . -16.14 -3.81 -10.04
O4B LMR H . -14.39 -2.92 -9.15
C1 LMR I . -7.38 12.02 9.56
O1A LMR I . -7.07 12.04 10.80
O1B LMR I . -6.52 12.09 8.68
C2 LMR I . -8.79 11.86 9.09
O2 LMR I . -9.63 11.52 10.17
C3 LMR I . -9.31 13.07 8.33
C4 LMR I . -10.64 12.69 7.71
O4A LMR I . -11.62 13.46 7.77
O4B LMR I . -10.82 11.59 7.15
C1 LMR J . -7.01 2.23 15.38
O1A LMR J . -8.04 2.95 15.44
O1B LMR J . -7.01 1.21 14.63
C2 LMR J . -5.75 2.59 16.12
O2 LMR J . -5.84 3.87 16.70
C3 LMR J . -5.42 1.54 17.17
C4 LMR J . -3.99 1.74 17.65
O4A LMR J . -3.75 1.69 18.89
O4B LMR J . -3.07 2.06 16.82
C1 LMR K . 13.04 -10.67 0.61
O1A LMR K . 13.91 -10.48 1.47
O1B LMR K . 11.85 -10.77 0.99
C2 LMR K . 13.40 -10.72 -0.86
O2 LMR K . 14.74 -10.40 -1.11
C3 LMR K . 13.10 -12.08 -1.43
C4 LMR K . 13.17 -11.96 -2.94
O4A LMR K . 13.93 -12.70 -3.59
O4B LMR K . 12.48 -11.10 -3.54
C1 LMR L . -4.51 1.60 -16.27
O1A LMR L . -5.75 1.59 -16.50
O1B LMR L . -4.02 2.51 -15.53
C2 LMR L . -3.67 0.48 -16.86
O2 LMR L . -4.50 -0.49 -17.56
C3 LMR L . -2.64 1.05 -17.82
C4 LMR L . -1.57 0.00 -18.07
O4A LMR L . -1.18 -0.23 -19.24
O4B LMR L . -1.09 -0.66 -17.11
#